data_5A6A
#
_entry.id   5A6A
#
_cell.length_a   83.337
_cell.length_b   96.277
_cell.length_c   132.732
_cell.angle_alpha   90.00
_cell.angle_beta   90.00
_cell.angle_gamma   90.00
#
_symmetry.space_group_name_H-M   'P 21 21 21'
#
loop_
_entity.id
_entity.type
_entity.pdbx_description
1 polymer N-ACETYL-BETA-D-GLUCOSAMINIDASE
2 non-polymer 1,2-ETHANEDIOL
3 non-polymer 3AR,5R,6S,7R,7AR-5-HYDROXYMETHYL-2-METHYL-5,6,7,7A-TETRAHYDRO-3AH-PYRANO[3,2-D]THIAZOLE-6,7-DIOL
4 water water
#
_entity_poly.entity_id   1
_entity_poly.type   'polypeptide(L)'
_entity_poly.pdbx_seq_one_letter_code
;MGSSHHHHHHSSGLVPRGSHMASMVRFTGLSLKQTQAIEVLKGHISLPDVEVAVTQSDQASISIEGEEGHYQLTYRKPHQ
LYRALSLLVTVLAEADKVEIEEQAAYEDLAYMVDCSRNAVLNVASAKQMIEILALMGYSTFELYMEDTYQIEGQPYFGYF
RGAYSAEELQEIEAYAQQFDVTFVPCIQTLAHLSAFVKWGVKEVQELRDVEDILLIGEEKVYDLIDGMFATLSKLKTRKV
NIGMDEAHLVGLGRYLILNGVVDRSLLMCQHLERVLDIADKYGFHCQMWSDMFFKLMSADGQYDRDVEIPEETRVYLDRL
KDRVTLVYWDYYQDSEEKYNRNFRNHHKISHDLAFAGGAWKWIGFTPHNHFSRLVAIEANKACRANQIKEVIVTGWGDNG
GETAQFSILPSLQIWAELSYRNDLDGLSAHFKTNTGLTVEDFMQIDLANLLPDLPGNLSGINPNRYVFYQDILCPILDQH
MTPEQDKPHFAQAAETLANIKEKAGNYAYLFETQAQLNAILSSKVDVGRRIRQAYQADDKESLQQIARQELPELRSQIED
FHALFSHQWLKENKVFGLDTVDIRMGGLLQRIKRAESRIEVYLAGQLDRIDELEVEILPFTDFYADKDFAATTANQWHTI
ATASTIYTT
;
_entity_poly.pdbx_strand_id   A,B
#
# COMPACT_ATOMS: atom_id res chain seq x y z
N THR A 28 51.38 -25.72 7.18
CA THR A 28 51.48 -27.10 7.77
C THR A 28 50.14 -27.56 8.33
N GLY A 29 49.74 -28.78 7.97
CA GLY A 29 48.48 -29.34 8.43
C GLY A 29 47.28 -29.03 7.53
N LEU A 30 47.45 -28.11 6.58
CA LEU A 30 46.33 -27.59 5.79
C LEU A 30 46.02 -28.43 4.54
N SER A 31 44.87 -28.15 3.94
CA SER A 31 44.39 -28.84 2.75
C SER A 31 44.39 -27.90 1.55
N LEU A 32 44.02 -28.42 0.39
CA LEU A 32 43.78 -27.57 -0.77
C LEU A 32 42.58 -26.62 -0.51
N LYS A 33 41.49 -27.19 0.00
CA LYS A 33 40.31 -26.40 0.33
C LYS A 33 40.68 -25.24 1.27
N GLN A 34 41.30 -25.58 2.40
CA GLN A 34 41.61 -24.59 3.42
C GLN A 34 42.61 -23.55 2.91
N THR A 35 43.66 -24.02 2.26
CA THR A 35 44.66 -23.14 1.64
C THR A 35 44.07 -22.26 0.52
N GLN A 36 43.09 -22.78 -0.21
CA GLN A 36 42.36 -21.98 -1.18
C GLN A 36 41.49 -20.94 -0.46
N ALA A 37 40.95 -21.30 0.71
CA ALA A 37 40.16 -20.36 1.52
C ALA A 37 40.99 -19.23 2.11
N ILE A 38 42.16 -19.59 2.69
CA ILE A 38 43.04 -18.57 3.29
C ILE A 38 43.58 -17.62 2.23
N GLU A 39 43.81 -18.14 1.03
CA GLU A 39 44.16 -17.30 -0.12
C GLU A 39 43.11 -16.23 -0.33
N VAL A 40 41.87 -16.61 -0.59
CA VAL A 40 40.77 -15.62 -0.77
C VAL A 40 40.54 -14.69 0.43
N LEU A 41 40.84 -15.15 1.66
CA LEU A 41 40.71 -14.28 2.83
C LEU A 41 41.80 -13.21 2.87
N LYS A 42 42.80 -13.32 1.99
CA LYS A 42 43.82 -12.28 1.88
C LYS A 42 43.24 -10.95 1.41
N GLY A 43 42.08 -10.99 0.75
CA GLY A 43 41.35 -9.77 0.36
C GLY A 43 40.88 -8.89 1.54
N HIS A 44 40.78 -9.50 2.71
CA HIS A 44 40.50 -8.78 3.96
C HIS A 44 41.74 -8.86 4.86
N ILE A 45 42.01 -10.05 5.41
CA ILE A 45 43.07 -10.23 6.40
C ILE A 45 44.46 -10.13 5.75
N SER A 46 45.21 -9.10 6.14
CA SER A 46 46.59 -8.91 5.69
C SER A 46 47.55 -9.84 6.45
N LEU A 47 47.85 -10.99 5.85
CA LEU A 47 48.70 -11.99 6.50
C LEU A 47 50.18 -11.59 6.45
N PRO A 48 50.91 -11.79 7.57
CA PRO A 48 52.35 -11.52 7.63
C PRO A 48 53.18 -12.73 7.22
N ASP A 49 54.50 -12.53 7.11
CA ASP A 49 55.44 -13.62 6.78
C ASP A 49 55.90 -14.37 8.03
N VAL A 50 55.12 -15.38 8.41
CA VAL A 50 55.46 -16.30 9.49
C VAL A 50 55.05 -17.70 9.03
N GLU A 51 54.97 -18.67 9.94
CA GLU A 51 54.47 -19.99 9.56
C GLU A 51 53.77 -20.71 10.71
N VAL A 52 52.52 -21.15 10.47
CA VAL A 52 51.70 -21.85 11.46
C VAL A 52 51.58 -23.35 11.15
N ALA A 53 51.15 -24.12 12.15
CA ALA A 53 50.89 -25.54 11.96
C ALA A 53 49.49 -25.85 12.47
N VAL A 54 48.63 -26.35 11.57
CA VAL A 54 47.21 -26.52 11.84
C VAL A 54 46.88 -27.95 12.27
N THR A 55 46.04 -28.07 13.29
CA THR A 55 45.54 -29.36 13.73
C THR A 55 44.17 -29.19 14.39
N GLN A 56 43.15 -29.90 13.92
CA GLN A 56 41.90 -30.00 14.67
C GLN A 56 42.20 -30.67 16.02
N SER A 57 41.43 -30.31 17.03
CA SER A 57 41.50 -30.93 18.35
C SER A 57 40.22 -30.56 19.09
N ASP A 58 39.73 -31.49 19.90
CA ASP A 58 38.55 -31.24 20.74
C ASP A 58 38.94 -30.45 21.99
N GLN A 59 40.23 -30.15 22.13
CA GLN A 59 40.72 -29.28 23.20
C GLN A 59 39.91 -27.99 23.37
N ALA A 60 40.01 -27.08 22.39
CA ALA A 60 39.39 -25.76 22.45
C ALA A 60 38.63 -25.40 21.19
N SER A 61 37.81 -24.35 21.25
CA SER A 61 37.16 -23.85 20.02
C SER A 61 38.29 -23.42 19.14
N ILE A 62 39.18 -22.58 19.70
CA ILE A 62 40.40 -22.14 19.03
C ILE A 62 41.58 -22.12 20.03
N SER A 63 42.76 -22.50 19.56
CA SER A 63 43.98 -22.25 20.29
C SER A 63 45.11 -21.87 19.36
N ILE A 64 45.72 -20.73 19.62
CA ILE A 64 46.92 -20.27 18.94
C ILE A 64 48.04 -20.08 19.99
N GLU A 65 49.19 -20.72 19.80
CA GLU A 65 50.35 -20.61 20.73
C GLU A 65 51.69 -20.67 20.01
N GLY A 66 52.55 -19.66 20.22
CA GLY A 66 53.88 -19.65 19.61
C GLY A 66 54.65 -18.34 19.77
N GLU A 67 55.97 -18.43 19.64
CA GLU A 67 56.88 -17.29 19.87
C GLU A 67 57.76 -16.98 18.65
N GLY A 69 58.61 -16.32 15.05
CA GLY A 69 57.55 -16.29 14.04
C GLY A 69 57.07 -17.68 13.59
N HIS A 70 56.95 -18.60 14.55
CA HIS A 70 56.48 -19.97 14.27
C HIS A 70 55.42 -20.40 15.28
N TYR A 71 54.24 -20.81 14.79
CA TYR A 71 53.05 -20.98 15.66
C TYR A 71 52.21 -22.27 15.47
N GLN A 72 51.70 -22.80 16.59
CA GLN A 72 50.80 -23.96 16.62
C GLN A 72 49.33 -23.54 16.85
N LEU A 73 48.54 -23.63 15.79
CA LEU A 73 47.13 -23.24 15.77
C LEU A 73 46.21 -24.50 15.77
N THR A 74 45.11 -24.44 16.53
CA THR A 74 44.07 -25.48 16.48
C THR A 74 42.64 -24.94 16.41
N TYR A 75 41.71 -25.81 16.00
CA TYR A 75 40.28 -25.55 16.04
C TYR A 75 39.53 -26.83 16.43
N ARG A 76 38.34 -26.70 17.00
CA ARG A 76 37.47 -27.86 17.23
C ARG A 76 36.73 -28.19 15.94
N LYS A 77 36.32 -27.14 15.22
CA LYS A 77 35.59 -27.27 13.96
C LYS A 77 36.31 -26.51 12.85
N PRO A 78 36.19 -27.00 11.59
CA PRO A 78 37.00 -26.47 10.45
C PRO A 78 36.78 -25.00 10.13
N HIS A 79 35.61 -24.46 10.42
CA HIS A 79 35.35 -23.05 10.11
C HIS A 79 36.04 -22.17 11.12
N GLN A 80 36.22 -22.66 12.35
CA GLN A 80 36.89 -21.88 13.39
C GLN A 80 38.37 -21.56 13.06
N LEU A 81 38.97 -22.28 12.13
CA LEU A 81 40.27 -21.89 11.54
C LEU A 81 40.29 -20.41 11.17
N TYR A 82 39.21 -19.96 10.53
CA TYR A 82 39.22 -18.67 9.89
C TYR A 82 39.03 -17.50 10.85
N ARG A 83 38.37 -17.72 11.98
CA ARG A 83 38.39 -16.76 13.05
C ARG A 83 39.75 -16.80 13.74
N ALA A 84 40.36 -17.98 13.82
CA ALA A 84 41.67 -18.07 14.43
C ALA A 84 42.71 -17.28 13.64
N LEU A 85 42.46 -17.14 12.33
CA LEU A 85 43.31 -16.29 11.48
C LEU A 85 43.12 -14.80 11.81
N SER A 86 41.87 -14.37 11.90
CA SER A 86 41.59 -12.99 12.25
C SER A 86 42.34 -12.67 13.57
N LEU A 87 42.28 -13.61 14.52
CA LEU A 87 42.97 -13.50 15.82
C LEU A 87 44.48 -13.39 15.66
N LEU A 88 45.08 -14.42 15.08
CA LEU A 88 46.51 -14.46 14.91
C LEU A 88 46.98 -13.15 14.29
N VAL A 89 46.30 -12.71 13.24
CA VAL A 89 46.71 -11.49 12.53
C VAL A 89 46.64 -10.25 13.42
N THR A 90 45.67 -10.24 14.33
CA THR A 90 45.45 -9.08 15.21
C THR A 90 46.51 -9.02 16.31
N VAL A 91 46.65 -10.12 17.03
CA VAL A 91 47.62 -10.22 18.13
C VAL A 91 49.08 -10.11 17.70
N LEU A 92 49.38 -10.46 16.44
CA LEU A 92 50.72 -10.32 15.84
C LEU A 92 50.93 -9.02 15.04
N ALA A 93 50.13 -8.01 15.34
CA ALA A 93 50.34 -6.68 14.77
C ALA A 93 51.03 -5.80 15.81
N GLU A 94 51.05 -6.24 17.06
CA GLU A 94 51.73 -5.54 18.13
C GLU A 94 52.72 -6.42 18.93
N ALA A 95 52.61 -7.75 18.83
CA ALA A 95 53.43 -8.68 19.61
C ALA A 95 53.97 -9.87 18.76
N ASP A 96 54.77 -10.74 19.38
CA ASP A 96 55.31 -11.95 18.72
C ASP A 96 55.00 -13.23 19.51
N LYS A 97 55.05 -13.16 20.83
CA LYS A 97 54.59 -14.26 21.68
C LYS A 97 53.07 -14.16 21.81
N VAL A 98 52.38 -15.21 21.37
CA VAL A 98 50.92 -15.32 21.48
C VAL A 98 50.55 -16.61 22.22
N GLU A 99 49.49 -16.56 23.02
CA GLU A 99 48.90 -17.78 23.64
C GLU A 99 47.39 -17.58 23.89
N ILE A 100 46.57 -18.08 22.97
CA ILE A 100 45.11 -17.89 22.99
C ILE A 100 44.39 -19.23 23.17
N GLU A 101 43.29 -19.23 23.93
CA GLU A 101 42.38 -20.39 23.99
C GLU A 101 40.96 -19.86 24.06
N GLU A 102 40.14 -20.18 23.06
CA GLU A 102 38.74 -19.77 23.09
C GLU A 102 37.84 -20.99 23.22
N GLN A 103 36.85 -20.84 24.09
CA GLN A 103 35.89 -21.88 24.39
C GLN A 103 34.49 -21.34 24.19
N ALA A 104 33.95 -21.54 22.99
CA ALA A 104 32.70 -20.92 22.58
C ALA A 104 31.47 -21.54 23.26
N ALA A 105 30.50 -20.67 23.54
CA ALA A 105 29.26 -21.04 24.22
C ALA A 105 28.18 -21.74 23.39
N TYR A 106 28.14 -21.52 22.06
CA TYR A 106 27.06 -22.05 21.20
C TYR A 106 27.58 -22.98 20.11
N GLU A 107 26.98 -24.16 20.00
CA GLU A 107 27.33 -25.11 18.93
C GLU A 107 27.28 -24.43 17.56
N ASP A 108 26.39 -23.47 17.41
CA ASP A 108 26.17 -22.84 16.14
C ASP A 108 25.79 -21.40 16.30
N LEU A 109 26.44 -20.58 15.48
CA LEU A 109 26.14 -19.18 15.37
C LEU A 109 25.80 -18.89 13.91
N ALA A 110 24.70 -18.19 13.67
CA ALA A 110 24.24 -17.94 12.32
C ALA A 110 23.91 -16.49 12.07
N TYR A 111 24.06 -16.05 10.81
CA TYR A 111 23.51 -14.78 10.38
C TYR A 111 22.53 -14.98 9.24
N MET A 112 21.36 -14.37 9.40
CA MET A 112 20.28 -14.51 8.47
C MET A 112 20.03 -13.18 7.77
N VAL A 113 20.24 -13.17 6.46
CA VAL A 113 20.03 -12.01 5.62
C VAL A 113 18.62 -12.06 5.11
N ASP A 114 17.88 -10.97 5.25
CA ASP A 114 16.55 -10.89 4.66
C ASP A 114 16.67 -10.70 3.16
N CYS A 115 16.16 -11.65 2.39
CA CYS A 115 16.22 -11.55 0.94
C CYS A 115 14.79 -11.56 0.41
N SER A 116 13.86 -11.14 1.26
CA SER A 116 12.43 -11.19 0.93
C SER A 116 11.70 -9.85 1.04
N ARG A 117 12.40 -8.80 1.45
CA ARG A 117 11.77 -7.48 1.62
C ARG A 117 12.23 -6.50 0.54
N ASN A 118 12.53 -7.05 -0.64
CA ASN A 118 12.91 -6.35 -1.87
C ASN A 118 14.38 -6.42 -2.18
N ALA A 119 15.21 -6.53 -1.15
CA ALA A 119 16.63 -6.58 -1.35
C ALA A 119 17.10 -8.01 -1.38
N VAL A 120 17.37 -8.53 -2.59
CA VAL A 120 17.98 -9.85 -2.76
C VAL A 120 19.50 -9.73 -2.94
N LEU A 121 20.21 -10.08 -1.87
CA LEU A 121 21.66 -10.09 -1.88
C LEU A 121 22.15 -10.77 -3.14
N ASN A 122 22.95 -10.06 -3.94
CA ASN A 122 23.48 -10.62 -5.17
C ASN A 122 24.63 -11.56 -4.84
N VAL A 123 25.06 -12.35 -5.80
CA VAL A 123 25.94 -13.49 -5.51
C VAL A 123 27.33 -13.07 -5.06
N ALA A 124 27.92 -12.06 -5.70
CA ALA A 124 29.21 -11.50 -5.30
C ALA A 124 29.21 -10.92 -3.88
N SER A 125 28.08 -10.29 -3.51
CA SER A 125 27.87 -9.80 -2.14
C SER A 125 27.68 -10.93 -1.13
N ALA A 126 27.15 -12.07 -1.58
CA ALA A 126 26.92 -13.17 -0.66
C ALA A 126 28.24 -13.85 -0.31
N LYS A 127 29.06 -14.03 -1.34
CA LYS A 127 30.42 -14.50 -1.21
C LYS A 127 31.16 -13.65 -0.16
N GLN A 128 31.14 -12.33 -0.34
CA GLN A 128 31.69 -11.39 0.64
C GLN A 128 31.20 -11.58 2.06
N MET A 129 29.88 -11.71 2.22
CA MET A 129 29.30 -11.90 3.54
C MET A 129 29.85 -13.16 4.19
N ILE A 130 29.88 -14.24 3.41
CA ILE A 130 30.37 -15.52 3.89
C ILE A 130 31.80 -15.42 4.40
N GLU A 131 32.66 -14.82 3.58
CA GLU A 131 34.07 -14.63 3.98
C GLU A 131 34.15 -13.98 5.37
N ILE A 132 33.45 -12.84 5.52
CA ILE A 132 33.48 -12.05 6.77
C ILE A 132 32.91 -12.83 7.95
N LEU A 133 31.78 -13.47 7.73
CA LEU A 133 31.20 -14.33 8.73
C LEU A 133 32.21 -15.39 9.17
N ALA A 134 33.01 -15.91 8.23
CA ALA A 134 34.00 -16.93 8.56
C ALA A 134 35.13 -16.41 9.46
N LEU A 135 35.65 -15.23 9.11
CA LEU A 135 36.58 -14.52 9.95
C LEU A 135 36.00 -14.22 11.33
N MET A 136 34.77 -13.74 11.37
CA MET A 136 34.16 -13.42 12.65
C MET A 136 33.86 -14.64 13.51
N GLY A 137 33.81 -15.82 12.89
CA GLY A 137 33.59 -17.07 13.62
C GLY A 137 32.23 -17.72 13.41
N TYR A 138 31.42 -17.14 12.53
CA TYR A 138 30.08 -17.69 12.24
C TYR A 138 30.13 -19.10 11.60
N SER A 139 29.23 -19.98 12.06
CA SER A 139 29.16 -21.40 11.61
C SER A 139 28.19 -21.61 10.45
N THR A 140 27.33 -20.63 10.24
CA THR A 140 26.13 -20.81 9.45
C THR A 140 25.67 -19.50 8.81
N PHE A 141 25.41 -19.54 7.52
CA PHE A 141 24.95 -18.37 6.76
C PHE A 141 23.52 -18.63 6.30
N GLU A 142 22.65 -17.64 6.43
CA GLU A 142 21.23 -17.85 6.10
C GLU A 142 20.62 -16.76 5.20
N LEU A 143 19.70 -17.19 4.35
CA LEU A 143 18.96 -16.31 3.45
C LEU A 143 17.49 -16.51 3.72
N TYR A 144 16.81 -15.44 4.11
CA TYR A 144 15.37 -15.50 4.37
C TYR A 144 14.61 -15.26 3.07
N MET A 145 14.02 -16.33 2.54
CA MET A 145 13.40 -16.34 1.22
C MET A 145 11.94 -16.74 1.35
N GLU A 146 11.03 -15.79 1.27
CA GLU A 146 9.61 -16.10 1.30
C GLU A 146 9.25 -16.75 -0.01
N ASP A 147 9.67 -16.11 -1.08
CA ASP A 147 9.40 -16.57 -2.42
C ASP A 147 10.57 -16.31 -3.36
N THR A 148 11.74 -16.03 -2.80
CA THR A 148 12.84 -15.48 -3.60
C THR A 148 13.81 -16.59 -3.98
N TYR A 149 13.28 -17.79 -4.15
CA TYR A 149 13.96 -18.89 -4.82
C TYR A 149 13.04 -19.54 -5.84
N GLN A 150 13.60 -19.97 -6.97
CA GLN A 150 12.79 -20.47 -8.08
C GLN A 150 12.36 -21.90 -7.88
N ILE A 151 11.07 -22.13 -8.06
CA ILE A 151 10.49 -23.45 -8.03
C ILE A 151 10.04 -23.75 -9.44
N GLU A 152 10.45 -24.91 -9.94
CA GLU A 152 9.97 -25.41 -11.21
C GLU A 152 8.48 -25.63 -11.04
N GLY A 153 7.71 -25.07 -11.98
CA GLY A 153 6.27 -25.29 -11.99
C GLY A 153 5.50 -24.39 -11.05
N GLN A 154 6.13 -23.35 -10.55
CA GLN A 154 5.41 -22.26 -9.90
C GLN A 154 6.01 -20.98 -10.48
N PRO A 155 5.74 -20.71 -11.76
CA PRO A 155 6.31 -19.55 -12.46
C PRO A 155 6.12 -18.22 -11.74
N TYR A 156 5.00 -18.09 -11.00
CA TYR A 156 4.71 -16.87 -10.23
C TYR A 156 5.48 -16.74 -8.93
N PHE A 157 5.90 -17.86 -8.36
CA PHE A 157 6.68 -17.88 -7.13
C PHE A 157 8.08 -17.34 -7.36
N GLY A 158 8.30 -16.05 -7.02
CA GLY A 158 9.55 -15.33 -7.35
C GLY A 158 9.50 -14.43 -8.59
N TYR A 159 8.36 -14.37 -9.26
CA TYR A 159 8.21 -13.66 -10.55
C TYR A 159 8.61 -12.18 -10.41
N PHE A 160 9.58 -11.76 -11.23
CA PHE A 160 10.12 -10.38 -11.20
C PHE A 160 10.66 -9.95 -9.83
N ARG A 161 10.94 -10.91 -8.97
CA ARG A 161 11.41 -10.62 -7.63
C ARG A 161 12.94 -10.78 -7.49
N GLY A 162 13.58 -11.29 -8.54
CA GLY A 162 15.01 -11.66 -8.48
C GLY A 162 15.22 -12.91 -7.66
N ALA A 163 14.36 -13.90 -7.84
CA ALA A 163 14.47 -15.12 -7.05
C ALA A 163 15.69 -15.90 -7.52
N TYR A 164 16.44 -16.48 -6.59
CA TYR A 164 17.64 -17.22 -6.95
C TYR A 164 17.26 -18.38 -7.87
N SER A 165 18.05 -18.56 -8.92
CA SER A 165 17.99 -19.76 -9.72
C SER A 165 18.64 -20.90 -8.94
N ALA A 166 18.61 -22.10 -9.54
CA ALA A 166 19.22 -23.29 -8.95
C ALA A 166 20.73 -23.13 -8.98
N GLU A 167 21.24 -22.62 -10.10
CA GLU A 167 22.67 -22.37 -10.24
C GLU A 167 23.11 -21.47 -9.08
N GLU A 168 22.42 -20.33 -8.91
CA GLU A 168 22.82 -19.31 -7.93
C GLU A 168 22.92 -19.88 -6.51
N LEU A 169 21.89 -20.60 -6.09
CA LEU A 169 21.83 -21.16 -4.75
C LEU A 169 22.92 -22.18 -4.54
N GLN A 170 23.13 -23.01 -5.56
CA GLN A 170 24.21 -23.99 -5.55
C GLN A 170 25.54 -23.25 -5.42
N GLU A 171 25.67 -22.13 -6.15
CA GLU A 171 26.90 -21.33 -6.11
C GLU A 171 27.15 -20.72 -4.72
N ILE A 172 26.11 -20.27 -4.06
CA ILE A 172 26.25 -19.67 -2.73
C ILE A 172 26.57 -20.74 -1.67
N GLU A 173 25.92 -21.90 -1.77
CA GLU A 173 26.24 -22.98 -0.85
C GLU A 173 27.68 -23.45 -1.04
N ALA A 174 28.01 -23.84 -2.26
CA ALA A 174 29.37 -24.26 -2.60
C ALA A 174 30.46 -23.37 -1.99
N TYR A 175 30.24 -22.06 -2.04
CA TYR A 175 31.16 -21.06 -1.50
C TYR A 175 31.14 -21.03 0.04
N ALA A 176 29.95 -21.16 0.63
CA ALA A 176 29.82 -21.32 2.07
C ALA A 176 30.63 -22.52 2.51
N GLN A 177 30.53 -23.60 1.73
CA GLN A 177 31.25 -24.84 1.98
C GLN A 177 32.75 -24.79 1.63
N GLN A 178 33.16 -23.84 0.79
CA GLN A 178 34.60 -23.57 0.64
C GLN A 178 35.23 -23.30 2.02
N PHE A 179 34.51 -22.58 2.90
CA PHE A 179 35.01 -22.24 4.24
C PHE A 179 34.49 -23.14 5.34
N ASP A 180 33.71 -24.16 4.98
CA ASP A 180 33.08 -25.06 5.95
C ASP A 180 31.98 -24.39 6.76
N VAL A 181 31.24 -23.50 6.11
CA VAL A 181 30.10 -22.82 6.71
C VAL A 181 28.86 -23.58 6.26
N THR A 182 27.99 -23.91 7.21
CA THR A 182 26.69 -24.51 6.87
C THR A 182 25.76 -23.44 6.30
N PHE A 183 25.10 -23.77 5.19
CA PHE A 183 24.08 -22.90 4.60
C PHE A 183 22.71 -23.42 5.02
N VAL A 184 21.85 -22.53 5.50
CA VAL A 184 20.50 -22.86 6.02
C VAL A 184 19.44 -21.92 5.42
N PRO A 185 18.65 -22.41 4.45
CA PRO A 185 17.64 -21.53 3.88
C PRO A 185 16.54 -21.30 4.88
N CYS A 186 15.98 -20.09 4.85
CA CYS A 186 14.86 -19.75 5.69
C CYS A 186 13.74 -19.41 4.76
N ILE A 187 12.65 -20.14 4.90
CA ILE A 187 11.55 -20.05 3.97
C ILE A 187 10.24 -19.89 4.74
N GLN A 188 9.13 -19.86 3.99
CA GLN A 188 7.80 -19.78 4.55
C GLN A 188 6.87 -20.84 3.97
N THR A 189 6.24 -21.58 4.88
CA THR A 189 5.28 -22.61 4.53
C THR A 189 3.89 -22.27 5.02
N LEU A 190 3.69 -21.07 5.58
CA LEU A 190 2.36 -20.68 6.04
C LEU A 190 1.98 -19.28 5.61
N ALA A 191 2.71 -18.29 6.14
CA ALA A 191 2.34 -16.88 6.03
C ALA A 191 3.52 -16.09 5.53
N HIS A 192 3.42 -14.76 5.53
CA HIS A 192 4.43 -13.92 4.95
C HIS A 192 4.71 -14.37 3.50
N LEU A 193 3.67 -14.44 2.68
CA LEU A 193 3.82 -14.77 1.26
C LEU A 193 3.08 -13.78 0.34
N SER A 194 2.97 -12.55 0.84
CA SER A 194 2.29 -11.46 0.15
C SER A 194 2.76 -11.38 -1.29
N ALA A 195 4.07 -11.34 -1.46
CA ALA A 195 4.64 -11.20 -2.79
C ALA A 195 4.01 -12.23 -3.71
N PHE A 196 3.91 -13.47 -3.23
CA PHE A 196 3.43 -14.54 -4.06
C PHE A 196 1.93 -14.46 -4.27
N VAL A 197 1.20 -14.22 -3.18
CA VAL A 197 -0.26 -14.25 -3.21
C VAL A 197 -0.89 -13.06 -3.93
N LYS A 198 -0.13 -11.98 -4.11
CA LYS A 198 -0.56 -10.83 -4.94
C LYS A 198 -1.23 -11.22 -6.28
N TRP A 199 -0.69 -12.24 -6.93
CA TRP A 199 -1.05 -12.60 -8.32
C TRP A 199 -2.46 -13.19 -8.56
N GLY A 200 -3.33 -12.41 -9.22
CA GLY A 200 -4.70 -12.85 -9.53
C GLY A 200 -4.84 -13.86 -10.66
N VAL A 201 -4.35 -15.08 -10.42
CA VAL A 201 -4.55 -16.21 -11.29
C VAL A 201 -4.98 -17.40 -10.43
N LYS A 202 -5.80 -18.30 -11.01
CA LYS A 202 -6.48 -19.36 -10.24
C LYS A 202 -5.55 -20.27 -9.45
N GLU A 203 -4.40 -20.59 -10.05
CA GLU A 203 -3.47 -21.55 -9.46
C GLU A 203 -2.75 -20.96 -8.24
N VAL A 204 -2.84 -19.63 -8.08
CA VAL A 204 -2.31 -18.94 -6.90
C VAL A 204 -3.44 -18.69 -5.90
N GLN A 205 -4.50 -18.02 -6.34
CA GLN A 205 -5.61 -17.67 -5.47
C GLN A 205 -6.24 -18.86 -4.76
N GLU A 206 -6.26 -20.00 -5.43
CA GLU A 206 -6.71 -21.28 -4.84
C GLU A 206 -5.92 -21.71 -3.60
N LEU A 207 -4.74 -21.13 -3.38
CA LEU A 207 -3.88 -21.51 -2.27
C LEU A 207 -4.13 -20.71 -0.99
N ARG A 208 -5.07 -19.77 -1.03
CA ARG A 208 -5.13 -18.67 -0.04
C ARG A 208 -6.20 -18.72 1.03
N ASP A 209 -5.77 -18.61 2.29
CA ASP A 209 -6.69 -18.47 3.40
C ASP A 209 -7.17 -17.02 3.53
N VAL A 210 -6.27 -16.14 3.92
CA VAL A 210 -6.62 -14.73 4.15
C VAL A 210 -5.32 -13.92 4.22
N GLU A 211 -5.38 -12.65 3.78
CA GLU A 211 -4.20 -11.80 3.74
C GLU A 211 -3.05 -12.59 3.10
N ASP A 212 -1.95 -12.78 3.83
CA ASP A 212 -0.74 -13.37 3.26
C ASP A 212 -0.56 -14.85 3.62
N ILE A 213 -1.61 -15.47 4.16
CA ILE A 213 -1.54 -16.83 4.71
C ILE A 213 -2.07 -17.88 3.73
N LEU A 214 -1.40 -19.02 3.66
CA LEU A 214 -1.84 -20.12 2.83
C LEU A 214 -2.92 -20.89 3.56
N LEU A 215 -3.65 -21.70 2.78
CA LEU A 215 -4.84 -22.39 3.23
C LEU A 215 -4.49 -23.77 3.78
N ILE A 216 -4.50 -23.89 5.09
CA ILE A 216 -4.20 -25.14 5.74
C ILE A 216 -5.23 -26.17 5.30
N GLY A 217 -4.75 -27.38 5.02
CA GLY A 217 -5.62 -28.51 4.72
C GLY A 217 -6.08 -28.59 3.29
N GLU A 218 -5.60 -27.69 2.42
CA GLU A 218 -5.81 -27.75 0.97
C GLU A 218 -4.59 -28.43 0.36
N GLU A 219 -4.78 -29.25 -0.66
CA GLU A 219 -3.68 -30.12 -1.14
C GLU A 219 -2.78 -29.44 -2.16
N LYS A 220 -3.39 -28.61 -3.02
CA LYS A 220 -2.64 -27.71 -3.89
C LYS A 220 -1.58 -26.93 -3.08
N VAL A 221 -1.89 -26.56 -1.83
CA VAL A 221 -0.91 -25.94 -0.93
C VAL A 221 0.20 -26.92 -0.51
N TYR A 222 -0.19 -28.12 -0.10
CA TYR A 222 0.81 -29.15 0.18
C TYR A 222 1.59 -29.57 -1.10
N ASP A 223 0.96 -29.48 -2.27
CA ASP A 223 1.70 -29.67 -3.52
C ASP A 223 2.78 -28.63 -3.65
N LEU A 224 2.43 -27.37 -3.38
CA LEU A 224 3.39 -26.27 -3.44
C LEU A 224 4.49 -26.50 -2.44
N ILE A 225 4.12 -26.85 -1.20
CA ILE A 225 5.11 -27.07 -0.16
C ILE A 225 5.98 -28.30 -0.46
N ASP A 226 5.48 -29.23 -1.27
CA ASP A 226 6.30 -30.35 -1.71
C ASP A 226 7.45 -29.80 -2.52
N GLY A 227 7.12 -29.00 -3.54
CA GLY A 227 8.11 -28.39 -4.45
C GLY A 227 9.13 -27.50 -3.77
N MET A 228 8.72 -26.78 -2.73
CA MET A 228 9.64 -25.97 -1.92
C MET A 228 10.82 -26.78 -1.39
N PHE A 229 10.53 -27.92 -0.78
CA PHE A 229 11.60 -28.76 -0.23
C PHE A 229 12.39 -29.49 -1.33
N ALA A 230 11.75 -29.68 -2.49
CA ALA A 230 12.35 -30.39 -3.62
C ALA A 230 13.43 -29.50 -4.24
N THR A 231 13.01 -28.28 -4.56
CA THR A 231 13.89 -27.21 -4.99
C THR A 231 15.06 -26.99 -4.05
N LEU A 232 14.84 -27.23 -2.76
CA LEU A 232 15.88 -27.14 -1.77
C LEU A 232 16.68 -28.44 -1.70
N SER A 233 16.04 -29.56 -2.00
CA SER A 233 16.71 -30.86 -1.91
C SER A 233 17.95 -30.99 -2.83
N LYS A 234 18.07 -30.13 -3.85
CA LYS A 234 19.29 -30.09 -4.69
C LYS A 234 20.62 -29.80 -3.95
N LEU A 235 20.53 -29.27 -2.74
CA LEU A 235 21.68 -28.86 -1.94
C LEU A 235 22.24 -30.00 -1.08
N LYS A 236 23.42 -29.79 -0.51
CA LYS A 236 23.99 -30.69 0.49
C LYS A 236 23.31 -30.55 1.86
N THR A 237 22.89 -29.34 2.20
CA THR A 237 22.34 -29.07 3.52
C THR A 237 20.98 -29.72 3.68
N ARG A 238 20.76 -30.31 4.84
CA ARG A 238 19.46 -30.88 5.15
C ARG A 238 18.94 -30.22 6.42
N LYS A 239 19.24 -28.92 6.53
CA LYS A 239 18.76 -28.11 7.64
C LYS A 239 17.99 -26.85 7.14
N VAL A 240 16.77 -26.67 7.66
CA VAL A 240 15.82 -25.71 7.13
C VAL A 240 15.06 -24.97 8.24
N ASN A 241 14.85 -23.68 8.05
CA ASN A 241 13.86 -22.94 8.82
C ASN A 241 12.62 -22.81 7.96
N ILE A 242 11.50 -23.36 8.43
CA ILE A 242 10.24 -23.39 7.67
C ILE A 242 9.33 -22.18 7.93
N GLY A 243 9.70 -21.36 8.90
CA GLY A 243 8.97 -20.13 9.20
C GLY A 243 7.80 -20.30 10.14
N MET A 244 6.60 -20.11 9.61
CA MET A 244 5.36 -20.18 10.37
C MET A 244 5.26 -19.16 11.50
N ASP A 245 5.84 -17.98 11.27
CA ASP A 245 5.58 -16.83 12.13
C ASP A 245 4.41 -16.01 11.66
N GLU A 246 3.78 -15.29 12.58
CA GLU A 246 2.95 -14.13 12.25
C GLU A 246 1.87 -14.41 11.22
N ALA A 247 1.02 -15.37 11.54
CA ALA A 247 -0.09 -15.76 10.69
C ALA A 247 -1.38 -15.53 11.47
N HIS A 248 -1.70 -14.27 11.73
CA HIS A 248 -2.60 -13.93 12.84
C HIS A 248 -4.07 -14.27 12.62
N LEU A 249 -4.53 -14.20 11.37
CA LEU A 249 -5.91 -14.58 11.04
C LEU A 249 -5.96 -15.99 10.46
N VAL A 250 -4.98 -16.83 10.83
CA VAL A 250 -4.92 -18.20 10.33
C VAL A 250 -6.21 -18.92 10.74
N GLY A 251 -6.84 -19.58 9.77
CA GLY A 251 -8.08 -20.28 10.03
C GLY A 251 -9.34 -19.40 10.01
N LEU A 252 -9.19 -18.09 9.86
CA LEU A 252 -10.32 -17.17 9.96
C LEU A 252 -10.79 -16.60 8.63
N GLY A 253 -10.22 -17.09 7.53
CA GLY A 253 -10.56 -16.58 6.20
C GLY A 253 -11.35 -17.58 5.39
N ARG A 254 -10.87 -17.87 4.18
CA ARG A 254 -11.51 -18.86 3.31
C ARG A 254 -11.53 -20.27 3.96
N TYR A 255 -10.59 -20.51 4.87
CA TYR A 255 -10.65 -21.67 5.75
C TYR A 255 -11.97 -21.77 6.53
N LEU A 256 -12.33 -20.65 7.17
CA LEU A 256 -13.56 -20.54 7.98
C LEU A 256 -14.80 -20.84 7.14
N ILE A 257 -14.88 -20.26 5.95
CA ILE A 257 -16.04 -20.46 5.10
C ILE A 257 -16.20 -21.92 4.70
N LEU A 258 -15.12 -22.69 4.60
CA LEU A 258 -15.20 -24.10 4.15
C LEU A 258 -15.17 -25.13 5.30
N ASN A 259 -14.46 -24.83 6.38
CA ASN A 259 -14.38 -25.77 7.49
C ASN A 259 -15.15 -25.33 8.73
N GLY A 260 -15.51 -24.06 8.80
CA GLY A 260 -16.16 -23.51 9.99
C GLY A 260 -15.18 -23.26 11.12
N VAL A 261 -15.71 -23.10 12.33
CA VAL A 261 -14.88 -22.80 13.50
C VAL A 261 -14.15 -24.05 13.98
N VAL A 262 -12.83 -23.92 14.11
CA VAL A 262 -11.94 -24.98 14.57
C VAL A 262 -10.95 -24.38 15.57
N ASP A 263 -10.47 -25.19 16.52
CA ASP A 263 -9.42 -24.78 17.45
C ASP A 263 -8.17 -24.45 16.67
N ARG A 264 -7.64 -23.26 16.89
CA ARG A 264 -6.59 -22.75 16.03
C ARG A 264 -5.20 -23.31 16.33
N SER A 265 -4.89 -23.56 17.60
CA SER A 265 -3.59 -24.16 17.96
C SER A 265 -3.51 -25.62 17.50
N LEU A 266 -4.66 -26.28 17.47
CA LEU A 266 -4.78 -27.60 16.89
C LEU A 266 -4.43 -27.53 15.43
N LEU A 267 -5.06 -26.59 14.73
CA LEU A 267 -4.90 -26.43 13.27
C LEU A 267 -3.45 -26.14 12.87
N MET A 268 -2.79 -25.31 13.65
CA MET A 268 -1.37 -24.98 13.49
C MET A 268 -0.52 -26.29 13.52
N CYS A 269 -0.79 -27.13 14.51
CA CYS A 269 -0.10 -28.40 14.66
C CYS A 269 -0.42 -29.36 13.51
N GLN A 270 -1.69 -29.46 13.16
CA GLN A 270 -2.10 -30.25 12.01
C GLN A 270 -1.24 -29.88 10.82
N HIS A 271 -1.19 -28.59 10.53
CA HIS A 271 -0.33 -28.06 9.46
C HIS A 271 1.13 -28.43 9.72
N LEU A 272 1.62 -28.17 10.93
CA LEU A 272 3.01 -28.49 11.23
C LEU A 272 3.35 -29.95 10.90
N GLU A 273 2.55 -30.89 11.37
CA GLU A 273 2.82 -32.31 11.12
C GLU A 273 2.89 -32.54 9.61
N ARG A 274 1.96 -31.98 8.85
CA ARG A 274 1.96 -32.19 7.42
C ARG A 274 3.30 -31.75 6.87
N VAL A 275 3.72 -30.54 7.18
CA VAL A 275 4.94 -29.98 6.58
C VAL A 275 6.21 -30.73 7.01
N LEU A 276 6.27 -31.25 8.23
CA LEU A 276 7.47 -31.99 8.66
C LEU A 276 7.55 -33.33 7.94
N ASP A 277 6.42 -34.02 7.82
CA ASP A 277 6.40 -35.26 7.05
C ASP A 277 6.94 -34.97 5.63
N ILE A 278 6.55 -33.83 5.06
CA ILE A 278 6.98 -33.46 3.71
C ILE A 278 8.48 -33.21 3.66
N ALA A 279 8.99 -32.50 4.67
CA ALA A 279 10.43 -32.28 4.81
C ALA A 279 11.17 -33.61 4.96
N ASP A 280 10.54 -34.55 5.65
CA ASP A 280 11.18 -35.83 5.92
C ASP A 280 11.42 -36.64 4.65
N LYS A 281 10.53 -36.57 3.66
CA LYS A 281 10.72 -37.33 2.42
C LYS A 281 12.07 -37.01 1.76
N TYR A 282 12.59 -35.80 2.01
CA TYR A 282 13.87 -35.36 1.45
C TYR A 282 14.97 -35.33 2.50
N GLY A 283 14.61 -35.65 3.75
CA GLY A 283 15.59 -35.81 4.82
C GLY A 283 15.98 -34.51 5.50
N PHE A 284 15.14 -33.49 5.41
CA PHE A 284 15.44 -32.23 6.10
C PHE A 284 15.10 -32.30 7.59
N HIS A 285 15.82 -31.50 8.36
CA HIS A 285 15.60 -31.34 9.79
C HIS A 285 15.24 -29.88 10.01
N CYS A 286 14.05 -29.65 10.59
CA CYS A 286 13.41 -28.34 10.53
C CYS A 286 13.55 -27.49 11.77
N GLN A 287 13.59 -26.18 11.55
CA GLN A 287 13.39 -25.18 12.61
C GLN A 287 12.16 -24.35 12.26
N MET A 288 11.51 -23.74 13.25
CA MET A 288 10.40 -22.83 12.98
C MET A 288 10.38 -21.70 13.99
N TRP A 289 9.81 -20.57 13.62
CA TRP A 289 9.56 -19.49 14.59
C TRP A 289 8.47 -19.92 15.55
N SER A 290 8.54 -19.43 16.78
CA SER A 290 7.73 -19.95 17.87
C SER A 290 6.48 -19.15 18.19
N ASP A 291 6.36 -17.94 17.65
CA ASP A 291 5.33 -17.00 18.11
C ASP A 291 3.89 -17.53 18.06
N MET A 292 3.52 -18.25 17.02
CA MET A 292 2.10 -18.55 16.80
C MET A 292 1.52 -19.45 17.86
N PHE A 293 2.33 -20.35 18.42
CA PHE A 293 1.92 -21.15 19.57
C PHE A 293 1.38 -20.29 20.67
N PHE A 294 2.16 -19.30 21.03
CA PHE A 294 1.81 -18.44 22.14
C PHE A 294 0.61 -17.58 21.79
N LYS A 295 0.69 -16.86 20.69
CA LYS A 295 -0.44 -16.03 20.23
C LYS A 295 -1.77 -16.80 20.21
N LEU A 296 -1.74 -18.03 19.71
CA LEU A 296 -2.95 -18.83 19.63
C LEU A 296 -3.34 -19.40 20.99
N MET A 297 -2.38 -19.63 21.89
CA MET A 297 -2.74 -20.18 23.19
C MET A 297 -2.77 -19.18 24.35
N SER A 298 -2.43 -17.92 24.07
CA SER A 298 -2.53 -16.86 25.09
C SER A 298 -3.95 -16.27 25.02
N ALA A 299 -4.30 -15.42 25.99
CA ALA A 299 -5.66 -14.90 26.13
C ALA A 299 -5.86 -13.51 25.50
N ASP A 300 -4.78 -12.75 25.35
CA ASP A 300 -4.77 -11.46 24.64
C ASP A 300 -3.92 -11.55 23.37
N GLY A 301 -3.76 -12.77 22.85
CA GLY A 301 -3.01 -13.01 21.62
C GLY A 301 -1.57 -12.50 21.59
N GLN A 302 -0.84 -12.65 22.69
CA GLN A 302 0.51 -12.11 22.75
C GLN A 302 1.56 -13.21 22.79
N TYR A 303 2.77 -12.84 22.38
CA TYR A 303 3.92 -13.74 22.29
C TYR A 303 4.55 -13.97 23.69
N ASP A 304 4.73 -12.88 24.45
CA ASP A 304 5.39 -12.92 25.77
C ASP A 304 4.49 -13.42 26.90
N ARG A 305 4.02 -14.68 26.83
CA ARG A 305 3.04 -15.24 27.80
C ARG A 305 3.28 -16.69 28.22
N ASP A 306 3.05 -17.00 29.50
CA ASP A 306 2.92 -18.39 29.92
C ASP A 306 1.49 -18.79 29.53
N VAL A 307 1.35 -19.94 28.86
CA VAL A 307 0.08 -20.29 28.21
C VAL A 307 -0.55 -21.60 28.64
N GLU A 308 -1.87 -21.71 28.43
CA GLU A 308 -2.61 -22.93 28.68
C GLU A 308 -2.76 -23.74 27.37
N ILE A 309 -1.98 -24.83 27.24
CA ILE A 309 -2.04 -25.70 26.07
C ILE A 309 -3.30 -26.58 26.13
N PRO A 310 -4.32 -26.30 25.29
CA PRO A 310 -5.49 -27.18 25.22
C PRO A 310 -5.14 -28.65 25.04
N GLU A 311 -5.92 -29.56 25.62
CA GLU A 311 -5.47 -30.95 25.70
C GLU A 311 -5.28 -31.65 24.35
N GLU A 312 -6.12 -31.35 23.35
CA GLU A 312 -5.96 -31.97 22.02
C GLU A 312 -4.68 -31.48 21.33
N THR A 313 -4.24 -30.28 21.69
CA THR A 313 -2.97 -29.73 21.24
C THR A 313 -1.80 -30.44 21.91
N ARG A 314 -1.81 -30.50 23.25
CA ARG A 314 -0.72 -31.12 24.03
C ARG A 314 -0.30 -32.46 23.44
N VAL A 315 -1.29 -33.32 23.26
CA VAL A 315 -1.08 -34.61 22.60
C VAL A 315 -0.45 -34.39 21.25
N TYR A 316 -0.98 -33.45 20.48
CA TYR A 316 -0.42 -33.24 19.15
C TYR A 316 1.05 -32.79 19.25
N LEU A 317 1.28 -31.72 20.01
CA LEU A 317 2.63 -31.23 20.24
C LEU A 317 3.58 -32.34 20.69
N ASP A 318 3.19 -33.12 21.69
CA ASP A 318 4.08 -34.12 22.28
C ASP A 318 4.85 -34.88 21.20
N ARG A 319 4.13 -35.30 20.16
CA ARG A 319 4.74 -35.94 19.01
C ARG A 319 5.70 -34.99 18.28
N LEU A 320 5.16 -33.85 17.85
CA LEU A 320 5.82 -32.97 16.92
C LEU A 320 6.99 -32.19 17.54
N LYS A 321 7.00 -32.03 18.85
CA LYS A 321 8.07 -31.29 19.52
C LYS A 321 9.40 -32.04 19.48
N ASP A 322 9.35 -33.34 19.20
CA ASP A 322 10.53 -34.17 19.09
C ASP A 322 11.24 -34.04 17.74
N ARG A 323 10.56 -33.40 16.77
CA ARG A 323 11.01 -33.38 15.36
C ARG A 323 11.26 -31.98 14.78
N VAL A 324 11.26 -30.95 15.63
CA VAL A 324 11.34 -29.58 15.17
C VAL A 324 11.91 -28.73 16.27
N THR A 325 12.79 -27.79 15.91
CA THR A 325 13.33 -26.81 16.84
C THR A 325 12.53 -25.51 16.78
N LEU A 326 12.01 -25.07 17.92
CA LEU A 326 11.35 -23.76 18.01
C LEU A 326 12.41 -22.71 18.18
N VAL A 327 12.38 -21.66 17.36
CA VAL A 327 13.25 -20.49 17.55
C VAL A 327 12.53 -19.30 18.22
N TYR A 328 12.90 -19.02 19.46
CA TYR A 328 12.39 -17.86 20.18
C TYR A 328 13.07 -16.63 19.63
N TRP A 329 12.28 -15.68 19.13
CA TRP A 329 12.86 -14.47 18.55
C TRP A 329 12.48 -13.22 19.33
N ASP A 330 13.47 -12.41 19.67
CA ASP A 330 13.26 -11.18 20.45
C ASP A 330 14.41 -10.19 20.30
N TYR A 331 14.04 -8.97 19.88
CA TYR A 331 14.98 -7.92 19.58
C TYR A 331 14.84 -6.68 20.44
N TYR A 332 14.03 -6.73 21.48
CA TYR A 332 13.48 -5.50 22.04
C TYR A 332 13.80 -5.23 23.52
N GLN A 333 14.27 -6.24 24.26
CA GLN A 333 14.29 -6.20 25.73
C GLN A 333 15.65 -5.77 26.29
N ASP A 334 15.64 -4.76 27.15
CA ASP A 334 16.88 -4.22 27.73
C ASP A 334 17.36 -4.97 28.98
N SER A 335 16.82 -6.16 29.25
CA SER A 335 17.11 -6.86 30.48
C SER A 335 17.11 -8.39 30.33
N GLU A 336 18.13 -9.02 30.90
CA GLU A 336 18.23 -10.48 31.00
C GLU A 336 16.98 -11.14 31.58
N GLU A 337 16.48 -10.58 32.68
CA GLU A 337 15.23 -11.03 33.29
C GLU A 337 14.15 -11.28 32.25
N LYS A 338 13.81 -10.26 31.46
CA LYS A 338 12.67 -10.36 30.55
C LYS A 338 12.85 -11.48 29.52
N TYR A 339 14.07 -11.64 29.02
CA TYR A 339 14.40 -12.78 28.14
C TYR A 339 14.22 -14.09 28.89
N ASN A 340 14.81 -14.18 30.08
CA ASN A 340 14.62 -15.34 30.94
C ASN A 340 13.17 -15.80 31.08
N ARG A 341 12.28 -14.85 31.40
CA ARG A 341 10.90 -15.20 31.64
C ARG A 341 10.30 -15.85 30.36
N ASN A 342 10.66 -15.32 29.19
CA ASN A 342 10.22 -15.89 27.90
C ASN A 342 10.75 -17.29 27.56
N PHE A 343 12.01 -17.56 27.89
CA PHE A 343 12.58 -18.89 27.70
C PHE A 343 11.81 -19.92 28.48
N ARG A 344 11.42 -19.52 29.70
CA ARG A 344 10.72 -20.39 30.65
C ARG A 344 9.30 -20.69 30.20
N ASN A 345 8.71 -19.78 29.43
CA ASN A 345 7.41 -20.04 28.81
C ASN A 345 7.59 -21.05 27.68
N HIS A 346 8.69 -20.95 26.93
CA HIS A 346 8.97 -21.92 25.87
C HIS A 346 9.25 -23.33 26.41
N HIS A 347 9.74 -23.43 27.63
CA HIS A 347 10.00 -24.72 28.25
C HIS A 347 8.70 -25.50 28.51
N LYS A 348 7.57 -24.79 28.60
CA LYS A 348 6.27 -25.47 28.68
C LYS A 348 6.05 -26.33 27.42
N ILE A 349 6.26 -25.73 26.26
CA ILE A 349 6.13 -26.43 24.97
C ILE A 349 7.31 -27.41 24.74
N SER A 350 8.53 -26.89 24.67
CA SER A 350 9.68 -27.72 24.28
C SER A 350 11.02 -27.26 24.87
N HIS A 351 11.97 -28.19 24.91
CA HIS A 351 13.36 -27.89 25.25
C HIS A 351 14.22 -28.18 24.03
N ASP A 352 13.67 -27.90 22.87
CA ASP A 352 14.37 -27.99 21.61
C ASP A 352 14.26 -26.56 21.05
N LEU A 353 15.15 -25.72 21.57
CA LEU A 353 15.01 -24.29 21.50
C LEU A 353 16.27 -23.61 21.00
N ALA A 354 16.10 -22.68 20.06
CA ALA A 354 17.15 -21.72 19.68
C ALA A 354 16.70 -20.28 19.92
N PHE A 355 17.66 -19.37 20.01
CA PHE A 355 17.37 -17.96 20.13
C PHE A 355 17.70 -17.18 18.87
N ALA A 356 16.91 -16.14 18.62
CA ALA A 356 17.15 -15.25 17.52
C ALA A 356 17.35 -13.85 18.05
N GLY A 357 18.53 -13.31 17.80
CA GLY A 357 18.83 -11.93 18.15
C GLY A 357 18.79 -11.06 16.92
N GLY A 358 19.06 -9.77 17.14
CA GLY A 358 18.86 -8.78 16.11
C GLY A 358 20.03 -7.91 15.77
N ALA A 359 20.21 -7.72 14.48
CA ALA A 359 21.07 -6.67 13.97
C ALA A 359 20.13 -5.69 13.33
N TRP A 360 19.92 -4.56 13.99
CA TRP A 360 18.83 -3.66 13.62
C TRP A 360 19.05 -2.97 12.27
N LYS A 361 18.45 -3.52 11.23
CA LYS A 361 18.55 -2.92 9.90
C LYS A 361 17.20 -2.96 9.17
N TRP A 362 16.14 -2.79 9.94
CA TRP A 362 14.79 -2.85 9.39
C TRP A 362 13.93 -1.64 9.75
N ILE A 363 14.55 -0.48 9.90
CA ILE A 363 13.82 0.71 10.28
C ILE A 363 14.09 1.92 9.39
N GLY A 364 14.36 1.65 8.12
CA GLY A 364 14.45 2.68 7.11
C GLY A 364 15.73 2.53 6.31
N PHE A 365 16.54 3.60 6.31
CA PHE A 365 17.81 3.63 5.59
C PHE A 365 18.96 3.39 6.52
N THR A 366 18.69 3.48 7.81
CA THR A 366 19.73 3.61 8.80
C THR A 366 19.66 2.51 9.83
N PRO A 367 20.79 1.83 10.06
CA PRO A 367 20.78 0.77 11.04
C PRO A 367 20.75 1.33 12.46
N HIS A 368 20.86 0.42 13.43
CA HIS A 368 21.00 0.80 14.83
C HIS A 368 21.89 -0.22 15.52
N ASN A 369 23.19 -0.16 15.20
CA ASN A 369 24.20 -0.96 15.87
C ASN A 369 24.37 -0.67 17.37
N HIS A 370 24.15 0.56 17.83
CA HIS A 370 24.27 0.82 19.27
C HIS A 370 23.27 -0.03 20.07
N PHE A 371 22.01 0.07 19.66
CA PHE A 371 20.93 -0.64 20.30
C PHE A 371 21.14 -2.13 20.17
N SER A 372 21.55 -2.57 18.99
CA SER A 372 21.82 -3.98 18.79
C SER A 372 22.87 -4.47 19.80
N ARG A 373 23.88 -3.65 20.07
CA ARG A 373 24.91 -4.01 21.03
C ARG A 373 24.28 -4.19 22.40
N LEU A 374 23.54 -3.18 22.82
CA LEU A 374 22.91 -3.14 24.13
C LEU A 374 22.05 -4.37 24.40
N VAL A 375 21.25 -4.80 23.43
CA VAL A 375 20.36 -5.95 23.70
C VAL A 375 21.03 -7.32 23.54
N ALA A 376 22.08 -7.40 22.71
CA ALA A 376 22.89 -8.63 22.61
C ALA A 376 23.55 -8.96 23.93
N ILE A 377 23.95 -7.93 24.66
CA ILE A 377 24.61 -8.15 25.93
C ILE A 377 23.66 -8.89 26.84
N GLU A 378 22.40 -8.46 26.85
CA GLU A 378 21.43 -9.09 27.74
C GLU A 378 21.06 -10.48 27.25
N ALA A 379 20.89 -10.63 25.94
CA ALA A 379 20.36 -11.89 25.38
C ALA A 379 21.40 -13.01 25.46
N ASN A 380 22.68 -12.63 25.30
CA ASN A 380 23.78 -13.56 25.54
C ASN A 380 23.67 -14.13 26.95
N LYS A 381 23.63 -13.25 27.96
CA LYS A 381 23.53 -13.67 29.37
C LYS A 381 22.40 -14.69 29.55
N ALA A 382 21.23 -14.35 29.04
CA ALA A 382 20.02 -15.20 29.11
C ALA A 382 20.10 -16.49 28.29
N CYS A 383 20.69 -16.44 27.10
CA CYS A 383 20.86 -17.65 26.30
C CYS A 383 21.74 -18.67 27.00
N ARG A 384 22.82 -18.19 27.62
CA ARG A 384 23.79 -19.06 28.32
C ARG A 384 23.14 -19.69 29.55
N ALA A 385 22.41 -18.85 30.28
CA ALA A 385 21.63 -19.22 31.45
C ALA A 385 20.55 -20.23 31.14
N ASN A 386 20.14 -20.29 29.87
CA ASN A 386 19.12 -21.23 29.45
C ASN A 386 19.70 -22.28 28.55
N GLN A 387 21.02 -22.41 28.60
CA GLN A 387 21.78 -23.46 27.91
C GLN A 387 21.37 -23.58 26.43
N ILE A 388 21.32 -22.43 25.77
CA ILE A 388 20.91 -22.35 24.37
C ILE A 388 22.01 -22.87 23.48
N LYS A 389 21.65 -23.78 22.57
CA LYS A 389 22.62 -24.41 21.68
C LYS A 389 22.99 -23.53 20.49
N GLU A 390 21.99 -22.89 19.87
CA GLU A 390 22.18 -22.04 18.68
C GLU A 390 21.56 -20.65 18.79
N VAL A 391 22.36 -19.64 18.46
CA VAL A 391 21.86 -18.29 18.27
C VAL A 391 21.86 -17.95 16.79
N ILE A 392 20.74 -17.44 16.31
CA ILE A 392 20.61 -16.86 14.98
C ILE A 392 20.50 -15.33 15.09
N VAL A 393 21.46 -14.60 14.54
CA VAL A 393 21.41 -13.15 14.47
C VAL A 393 20.69 -12.82 13.16
N THR A 394 19.62 -12.02 13.21
CA THR A 394 18.78 -11.75 12.02
C THR A 394 18.76 -10.29 11.57
N GLY A 395 18.90 -10.09 10.26
CA GLY A 395 18.99 -8.75 9.67
C GLY A 395 17.81 -8.50 8.77
N TRP A 396 16.65 -8.31 9.37
CA TRP A 396 15.43 -8.12 8.61
C TRP A 396 15.48 -6.82 7.84
N GLY A 397 14.53 -6.67 6.92
CA GLY A 397 14.48 -5.56 5.98
C GLY A 397 13.07 -5.01 5.83
N ASP A 398 12.35 -4.92 6.92
CA ASP A 398 10.99 -4.37 6.92
C ASP A 398 10.74 -3.22 5.94
N ASN A 399 9.73 -3.39 5.10
CA ASN A 399 9.13 -2.32 4.29
C ASN A 399 10.03 -1.82 3.16
N GLY A 400 10.73 -2.74 2.51
CA GLY A 400 11.46 -2.41 1.29
C GLY A 400 12.96 -2.72 1.30
N GLY A 401 13.49 -3.12 2.46
CA GLY A 401 14.90 -3.41 2.58
C GLY A 401 15.81 -2.25 2.23
N GLU A 402 15.43 -1.05 2.66
CA GLU A 402 16.20 0.15 2.33
C GLU A 402 17.55 0.27 3.07
N THR A 403 17.74 -0.39 4.20
CA THR A 403 18.99 -0.32 4.89
C THR A 403 20.01 -1.22 4.18
N ALA A 404 21.27 -0.78 4.18
CA ALA A 404 22.34 -1.47 3.44
C ALA A 404 22.76 -2.78 4.11
N GLN A 405 22.90 -3.83 3.28
CA GLN A 405 23.15 -5.18 3.76
C GLN A 405 24.38 -5.28 4.65
N PHE A 406 25.43 -4.52 4.35
CA PHE A 406 26.63 -4.55 5.18
C PHE A 406 26.63 -3.51 6.30
N SER A 407 25.50 -2.87 6.57
CA SER A 407 25.49 -1.79 7.56
C SER A 407 25.59 -2.24 9.00
N ILE A 408 25.50 -3.54 9.25
CA ILE A 408 25.41 -4.04 10.62
C ILE A 408 26.50 -5.06 10.99
N LEU A 409 27.65 -4.97 10.33
CA LEU A 409 28.80 -5.82 10.71
C LEU A 409 29.24 -5.73 12.20
N PRO A 410 29.34 -4.53 12.79
CA PRO A 410 29.59 -4.45 14.23
C PRO A 410 28.73 -5.41 15.03
N SER A 411 27.44 -5.39 14.76
CA SER A 411 26.52 -6.26 15.46
C SER A 411 26.86 -7.74 15.21
N LEU A 412 27.23 -8.07 13.98
CA LEU A 412 27.70 -9.40 13.71
C LEU A 412 28.97 -9.67 14.53
N GLN A 413 29.91 -8.73 14.52
CA GLN A 413 31.15 -8.97 15.26
C GLN A 413 30.87 -9.08 16.74
N ILE A 414 29.91 -8.29 17.23
CA ILE A 414 29.54 -8.27 18.65
C ILE A 414 29.02 -9.65 19.09
N TRP A 415 28.10 -10.20 18.31
CA TRP A 415 27.59 -11.55 18.59
C TRP A 415 28.70 -12.58 18.53
N ALA A 416 29.47 -12.57 17.46
CA ALA A 416 30.67 -13.39 17.37
C ALA A 416 31.54 -13.26 18.63
N GLU A 417 31.73 -12.04 19.10
CA GLU A 417 32.56 -11.82 20.28
C GLU A 417 31.94 -12.43 21.52
N LEU A 418 30.65 -12.17 21.72
CA LEU A 418 29.97 -12.70 22.90
C LEU A 418 29.80 -14.23 22.89
N SER A 419 29.83 -14.85 21.73
CA SER A 419 29.81 -16.31 21.67
C SER A 419 31.17 -16.95 22.04
N TYR A 420 32.25 -16.54 21.38
CA TYR A 420 33.57 -17.13 21.56
C TYR A 420 34.38 -16.67 22.79
N ARG A 421 34.15 -15.45 23.26
CA ARG A 421 34.90 -14.91 24.42
C ARG A 421 34.01 -14.54 25.61
N ASN A 422 32.70 -14.44 25.41
CA ASN A 422 31.80 -13.89 26.44
C ASN A 422 32.17 -12.48 26.95
N ASP A 423 32.73 -11.66 26.06
CA ASP A 423 32.93 -10.23 26.34
C ASP A 423 33.36 -9.50 25.08
N LEU A 424 33.54 -8.19 25.16
CA LEU A 424 33.82 -7.36 23.98
C LEU A 424 35.24 -6.72 23.95
N ASP A 425 36.17 -7.32 24.69
CA ASP A 425 37.56 -6.89 24.72
C ASP A 425 38.21 -6.95 23.33
N GLY A 426 37.96 -8.02 22.58
CA GLY A 426 38.51 -8.17 21.22
C GLY A 426 37.76 -7.40 20.14
N LEU A 427 36.53 -6.96 20.43
CA LEU A 427 35.62 -6.38 19.44
C LEU A 427 36.20 -5.29 18.54
N SER A 428 36.86 -4.30 19.13
CA SER A 428 37.45 -3.21 18.34
C SER A 428 38.62 -3.71 17.53
N ALA A 429 39.52 -4.41 18.20
CA ALA A 429 40.72 -4.91 17.52
C ALA A 429 40.36 -5.91 16.42
N HIS A 430 39.48 -6.87 16.71
CA HIS A 430 39.11 -7.89 15.73
C HIS A 430 38.34 -7.28 14.55
N PHE A 431 37.51 -6.28 14.86
CA PHE A 431 36.73 -5.63 13.86
C PHE A 431 37.61 -4.83 12.92
N LYS A 432 38.66 -4.22 13.48
CA LYS A 432 39.60 -3.45 12.66
C LYS A 432 40.39 -4.40 11.79
N THR A 433 40.66 -5.61 12.28
CA THR A 433 41.30 -6.62 11.43
C THR A 433 40.40 -6.94 10.23
N ASN A 434 39.15 -7.24 10.51
CA ASN A 434 38.29 -7.84 9.52
C ASN A 434 37.75 -6.85 8.51
N THR A 435 37.56 -5.62 8.92
CA THR A 435 36.88 -4.63 8.08
C THR A 435 37.77 -3.45 7.66
N GLY A 436 38.83 -3.19 8.43
CA GLY A 436 39.71 -2.06 8.16
C GLY A 436 39.26 -0.80 8.88
N LEU A 437 38.17 -0.90 9.65
CA LEU A 437 37.67 0.24 10.42
C LEU A 437 37.60 -0.06 11.93
N THR A 438 37.57 1.00 12.73
CA THR A 438 37.35 0.84 14.17
C THR A 438 35.86 0.78 14.38
N VAL A 439 35.42 -0.18 15.20
CA VAL A 439 34.00 -0.39 15.41
C VAL A 439 33.33 0.91 15.88
N GLU A 440 34.02 1.66 16.74
CA GLU A 440 33.53 2.94 17.23
C GLU A 440 33.17 3.83 16.04
N ASP A 441 34.05 3.87 15.07
CA ASP A 441 33.79 4.63 13.87
C ASP A 441 32.65 4.06 13.04
N PHE A 442 32.75 2.79 12.65
CA PHE A 442 31.71 2.15 11.83
C PHE A 442 30.32 2.37 12.42
N MET A 443 30.25 2.32 13.75
CA MET A 443 29.00 2.52 14.48
C MET A 443 28.39 3.94 14.41
N GLN A 444 29.05 4.88 13.76
CA GLN A 444 28.49 6.21 13.56
C GLN A 444 27.46 6.20 12.43
N ILE A 445 27.56 5.16 11.58
CA ILE A 445 26.59 4.90 10.54
C ILE A 445 25.17 4.99 11.10
N ASP A 446 25.01 4.68 12.39
CA ASP A 446 23.74 4.82 13.10
C ASP A 446 23.22 6.24 13.24
N LEU A 447 24.06 7.23 12.97
CA LEU A 447 23.83 8.58 13.50
C LEU A 447 22.46 9.19 13.19
N ALA A 448 21.84 8.79 12.08
CA ALA A 448 20.53 9.37 11.73
C ALA A 448 19.41 9.03 12.71
N ASN A 449 19.58 7.96 13.50
CA ASN A 449 18.60 7.57 14.51
C ASN A 449 18.94 8.00 15.96
N LEU A 450 20.19 8.33 16.25
CA LEU A 450 20.63 8.56 17.62
C LEU A 450 20.38 10.02 18.07
N LEU A 451 19.12 10.43 18.10
CA LEU A 451 18.81 11.77 18.56
C LEU A 451 19.25 11.90 20.02
N PRO A 452 19.78 13.06 20.39
CA PRO A 452 20.44 13.15 21.68
C PRO A 452 19.51 12.85 22.84
N ASP A 453 18.31 13.42 22.86
CA ASP A 453 17.40 13.21 24.00
C ASP A 453 16.72 11.81 24.05
N LEU A 454 17.20 10.88 23.23
CA LEU A 454 16.72 9.50 23.28
C LEU A 454 17.47 8.70 24.34
N PRO A 455 16.73 7.98 25.18
CA PRO A 455 17.41 7.02 26.02
C PRO A 455 17.80 5.82 25.16
N GLY A 456 18.92 5.20 25.47
CA GLY A 456 19.49 4.24 24.52
C GLY A 456 18.79 2.90 24.46
N ASN A 457 17.73 2.77 25.21
CA ASN A 457 17.11 1.47 25.45
C ASN A 457 15.77 1.26 24.72
N LEU A 458 15.33 2.20 23.90
CA LEU A 458 14.07 2.03 23.19
C LEU A 458 14.29 1.68 21.73
N SER A 459 13.62 0.61 21.31
CA SER A 459 13.71 0.11 19.95
C SER A 459 12.82 0.92 19.02
N GLY A 460 13.19 0.91 17.73
CA GLY A 460 12.29 1.25 16.64
C GLY A 460 12.18 2.72 16.26
N ILE A 461 12.87 3.59 16.99
CA ILE A 461 12.73 5.03 16.82
C ILE A 461 13.54 5.45 15.60
N ASN A 462 12.87 5.89 14.53
CA ASN A 462 13.48 5.89 13.22
C ASN A 462 13.36 7.16 12.41
N PRO A 463 13.72 8.31 13.00
CA PRO A 463 13.63 9.57 12.25
C PRO A 463 14.37 9.47 10.92
N ASN A 464 15.47 8.72 10.86
CA ASN A 464 16.14 8.49 9.59
C ASN A 464 15.15 8.33 8.44
N ARG A 465 14.06 7.61 8.68
CA ARG A 465 13.15 7.23 7.63
C ARG A 465 12.03 8.21 7.48
N TYR A 466 11.41 8.60 8.58
CA TYR A 466 10.18 9.34 8.47
C TYR A 466 10.36 10.84 8.27
N VAL A 467 11.52 11.32 8.67
CA VAL A 467 11.90 12.70 8.39
C VAL A 467 12.18 12.83 6.89
N PHE A 468 12.69 11.77 6.28
CA PHE A 468 12.92 11.75 4.84
C PHE A 468 11.65 11.69 3.97
N TYR A 469 10.68 10.84 4.32
CA TYR A 469 9.53 10.53 3.42
C TYR A 469 8.26 11.31 3.76
N GLN A 470 8.26 12.02 4.87
CA GLN A 470 7.20 12.97 5.20
C GLN A 470 6.95 13.98 4.09
N ASP A 471 5.69 14.23 3.77
CA ASP A 471 5.32 15.26 2.80
C ASP A 471 5.70 16.66 3.28
N ILE A 472 6.01 17.53 2.33
CA ILE A 472 6.25 18.94 2.62
C ILE A 472 4.94 19.58 3.05
N LEU A 473 4.03 19.84 2.11
CA LEU A 473 2.77 20.57 2.43
C LEU A 473 1.99 20.01 3.60
N CYS A 474 2.03 18.70 3.79
CA CYS A 474 1.30 18.03 4.86
C CYS A 474 2.23 17.22 5.74
N PRO A 475 3.05 17.87 6.56
CA PRO A 475 3.95 17.08 7.38
C PRO A 475 3.21 16.45 8.55
N ILE A 476 2.84 15.18 8.44
CA ILE A 476 2.06 14.55 9.50
C ILE A 476 2.86 13.97 10.65
N LEU A 477 4.18 13.88 10.52
CA LEU A 477 5.05 13.51 11.65
C LEU A 477 5.56 14.74 12.41
N ASP A 478 4.96 15.92 12.17
CA ASP A 478 5.59 17.18 12.59
C ASP A 478 5.66 17.42 14.11
N GLN A 479 4.65 17.01 14.89
CA GLN A 479 4.73 17.18 16.36
C GLN A 479 5.81 16.27 17.01
N HIS A 480 6.55 15.53 16.18
CA HIS A 480 7.59 14.62 16.65
C HIS A 480 9.00 15.12 16.33
N MET A 481 9.09 16.31 15.73
CA MET A 481 10.35 16.94 15.42
C MET A 481 10.72 17.99 16.46
N THR A 482 12.03 18.13 16.66
CA THR A 482 12.59 19.10 17.61
C THR A 482 13.77 19.80 16.94
N PRO A 483 13.48 20.73 16.01
CA PRO A 483 14.50 21.30 15.12
C PRO A 483 15.67 21.83 15.90
N GLU A 484 15.39 22.64 16.93
CA GLU A 484 16.41 23.11 17.87
C GLU A 484 17.54 22.09 18.02
N GLN A 485 17.16 20.83 18.29
CA GLN A 485 18.14 19.74 18.46
C GLN A 485 18.34 18.85 17.23
N ASP A 486 17.37 18.81 16.31
CA ASP A 486 17.43 17.85 15.20
C ASP A 486 18.31 18.31 14.04
N LYS A 487 18.15 19.58 13.65
CA LYS A 487 18.96 20.20 12.58
C LYS A 487 20.49 20.14 12.82
N PRO A 488 20.93 20.54 14.03
CA PRO A 488 22.37 20.49 14.30
C PRO A 488 22.93 19.06 14.30
N HIS A 489 22.26 18.17 15.03
CA HIS A 489 22.62 16.74 15.06
C HIS A 489 22.84 16.15 13.66
N PHE A 490 21.90 16.41 12.74
CA PHE A 490 22.05 15.93 11.38
C PHE A 490 23.20 16.63 10.70
N ALA A 491 23.32 17.94 10.94
CA ALA A 491 24.38 18.74 10.32
C ALA A 491 25.75 18.18 10.70
N GLN A 492 26.04 18.13 11.99
CA GLN A 492 27.35 17.63 12.46
C GLN A 492 27.54 16.12 12.18
N ALA A 493 26.46 15.39 11.93
CA ALA A 493 26.57 13.99 11.56
C ALA A 493 27.01 13.85 10.12
N ALA A 494 26.52 14.74 9.26
CA ALA A 494 26.90 14.72 7.85
C ALA A 494 28.40 14.94 7.68
N GLU A 495 28.97 15.79 8.52
CA GLU A 495 30.40 16.10 8.51
C GLU A 495 31.20 14.91 9.05
N THR A 496 30.71 14.35 10.15
CA THR A 496 31.33 13.19 10.78
C THR A 496 31.39 12.01 9.84
N LEU A 497 30.26 11.69 9.23
CA LEU A 497 30.16 10.57 8.29
C LEU A 497 31.05 10.82 7.09
N ALA A 498 30.98 12.05 6.57
CA ALA A 498 31.81 12.43 5.45
C ALA A 498 33.23 12.01 5.73
N ASN A 499 33.74 12.36 6.92
CA ASN A 499 35.11 11.98 7.25
C ASN A 499 35.29 10.47 7.31
N ILE A 500 34.42 9.80 8.08
CA ILE A 500 34.47 8.36 8.15
C ILE A 500 34.38 7.75 6.73
N LYS A 501 33.50 8.30 5.88
CA LYS A 501 33.44 7.82 4.50
C LYS A 501 34.85 7.77 3.98
N GLU A 502 35.58 8.87 4.19
CA GLU A 502 36.93 9.01 3.63
C GLU A 502 37.88 7.90 4.10
N LYS A 503 37.60 7.23 5.21
CA LYS A 503 38.51 6.19 5.73
C LYS A 503 37.94 4.77 5.67
N ALA A 504 36.74 4.63 5.11
CA ALA A 504 35.98 3.37 5.19
C ALA A 504 36.41 2.28 4.18
N GLY A 505 37.20 2.64 3.17
CA GLY A 505 37.74 1.63 2.27
C GLY A 505 36.73 1.16 1.26
N ASN A 506 36.55 -0.14 1.14
CA ASN A 506 35.53 -0.65 0.23
C ASN A 506 34.12 -0.53 0.82
N TYR A 507 34.01 0.04 2.03
CA TYR A 507 32.73 0.33 2.68
C TYR A 507 32.35 1.82 2.66
N ALA A 508 33.10 2.65 1.92
CA ALA A 508 32.80 4.08 1.89
C ALA A 508 31.37 4.36 1.41
N TYR A 509 30.94 3.58 0.41
CA TYR A 509 29.59 3.72 -0.16
C TYR A 509 28.51 3.78 0.94
N LEU A 510 28.63 2.91 1.95
CA LEU A 510 27.71 2.93 3.08
C LEU A 510 27.62 4.29 3.75
N PHE A 511 28.77 4.92 3.95
CA PHE A 511 28.84 6.18 4.69
C PHE A 511 28.60 7.37 3.78
N GLU A 512 28.93 7.19 2.50
CA GLU A 512 28.53 8.20 1.51
C GLU A 512 26.99 8.35 1.48
N THR A 513 26.29 7.23 1.55
CA THR A 513 24.84 7.22 1.61
C THR A 513 24.32 7.88 2.87
N GLN A 514 24.87 7.50 4.02
CA GLN A 514 24.40 8.07 5.30
C GLN A 514 24.66 9.58 5.45
N ALA A 515 25.83 10.04 5.02
CA ALA A 515 26.16 11.48 5.06
C ALA A 515 25.17 12.35 4.27
N GLN A 516 25.04 12.08 2.98
CA GLN A 516 24.06 12.77 2.15
C GLN A 516 22.67 12.74 2.82
N LEU A 517 22.32 11.59 3.38
CA LEU A 517 21.06 11.48 4.07
C LEU A 517 20.99 12.56 5.16
N ASN A 518 21.92 12.59 6.11
CA ASN A 518 21.81 13.58 7.18
C ASN A 518 21.86 15.00 6.63
N ALA A 519 22.67 15.21 5.59
CA ALA A 519 22.64 16.48 4.90
C ALA A 519 21.19 16.86 4.61
N ILE A 520 20.44 15.92 4.03
CA ILE A 520 19.06 16.20 3.67
C ILE A 520 18.19 16.42 4.89
N LEU A 521 18.41 15.61 5.93
CA LEU A 521 17.51 15.61 7.09
C LEU A 521 17.62 16.88 7.94
N SER A 522 18.79 17.50 7.86
CA SER A 522 19.08 18.70 8.61
C SER A 522 18.11 19.84 8.29
N SER A 523 17.83 20.04 7.01
CA SER A 523 16.90 21.08 6.58
C SER A 523 15.46 20.57 6.43
N LYS A 524 15.30 19.37 5.88
CA LYS A 524 13.97 18.77 5.73
C LYS A 524 13.19 18.64 7.03
N VAL A 525 13.88 18.47 8.15
CA VAL A 525 13.23 18.18 9.43
C VAL A 525 12.30 19.27 9.95
N ASP A 526 12.42 20.51 9.49
CA ASP A 526 11.47 21.57 9.90
C ASP A 526 10.99 22.47 8.79
N VAL A 527 11.29 22.11 7.53
CA VAL A 527 10.92 22.93 6.38
C VAL A 527 9.41 23.04 6.27
N GLY A 528 8.72 21.98 6.68
CA GLY A 528 7.27 21.94 6.63
C GLY A 528 6.66 22.82 7.70
N ARG A 529 7.31 22.87 8.85
CA ARG A 529 6.91 23.78 9.94
C ARG A 529 7.11 25.21 9.52
N ARG A 530 8.26 25.48 8.91
CA ARG A 530 8.61 26.86 8.55
C ARG A 530 7.62 27.41 7.52
N ILE A 531 7.50 26.74 6.38
CA ILE A 531 6.46 27.03 5.39
C ILE A 531 5.15 27.41 6.09
N ARG A 532 4.73 26.52 6.97
CA ARG A 532 3.48 26.67 7.72
C ARG A 532 3.48 27.95 8.58
N GLN A 533 4.55 28.18 9.32
CA GLN A 533 4.62 29.31 10.24
C GLN A 533 4.59 30.65 9.51
N ALA A 534 5.31 30.73 8.39
CA ALA A 534 5.30 31.93 7.56
C ALA A 534 3.88 32.15 7.03
N TYR A 535 3.30 31.15 6.37
CA TYR A 535 1.96 31.29 5.78
C TYR A 535 0.89 31.76 6.75
N GLN A 536 0.96 31.26 7.98
CA GLN A 536 -0.03 31.61 9.01
C GLN A 536 0.20 33.05 9.49
N ALA A 537 1.47 33.48 9.48
CA ALA A 537 1.87 34.84 9.89
C ALA A 537 1.97 35.80 8.69
N ASP A 538 1.69 35.30 7.49
CA ASP A 538 1.81 36.07 6.23
C ASP A 538 3.23 36.58 5.86
N ASP A 539 4.27 35.92 6.37
CA ASP A 539 5.66 36.20 5.96
C ASP A 539 5.89 35.77 4.51
N LYS A 540 5.42 36.58 3.57
CA LYS A 540 5.53 36.23 2.15
C LYS A 540 6.99 36.24 1.71
N GLU A 541 7.83 36.93 2.45
CA GLU A 541 9.27 36.88 2.23
C GLU A 541 9.75 35.43 2.31
N SER A 542 9.37 34.74 3.39
CA SER A 542 9.89 33.40 3.67
C SER A 542 9.23 32.31 2.84
N LEU A 543 7.94 32.44 2.56
CA LEU A 543 7.31 31.57 1.55
C LEU A 543 8.12 31.65 0.23
N GLN A 544 8.44 32.87 -0.17
CA GLN A 544 9.20 33.13 -1.40
C GLN A 544 10.52 32.38 -1.40
N GLN A 545 11.35 32.60 -0.38
CA GLN A 545 12.70 32.04 -0.41
C GLN A 545 12.68 30.51 -0.46
N ILE A 546 11.84 29.91 0.40
CA ILE A 546 11.65 28.45 0.45
C ILE A 546 11.27 27.87 -0.91
N ALA A 547 10.18 28.38 -1.49
CA ALA A 547 9.69 27.93 -2.79
C ALA A 547 10.71 28.08 -3.92
N ARG A 548 11.41 29.20 -3.96
CA ARG A 548 12.30 29.50 -5.09
C ARG A 548 13.71 28.95 -4.85
N GLN A 549 14.22 29.05 -3.62
CA GLN A 549 15.59 28.57 -3.31
C GLN A 549 15.67 27.25 -2.51
N GLU A 550 14.94 27.10 -1.41
CA GLU A 550 15.18 25.93 -0.55
C GLU A 550 14.73 24.61 -1.19
N LEU A 551 13.50 24.60 -1.72
CA LEU A 551 12.87 23.38 -2.21
C LEU A 551 13.57 22.75 -3.40
N PRO A 552 14.01 23.56 -4.40
CA PRO A 552 14.75 22.95 -5.51
C PRO A 552 16.16 22.53 -5.11
N GLU A 553 16.69 23.09 -4.02
CA GLU A 553 17.97 22.63 -3.50
C GLU A 553 17.72 21.25 -2.88
N LEU A 554 16.68 21.16 -2.06
CA LEU A 554 16.20 19.88 -1.51
C LEU A 554 16.02 18.80 -2.57
N ARG A 555 15.29 19.10 -3.62
CA ARG A 555 15.12 18.12 -4.68
C ARG A 555 16.46 17.60 -5.21
N SER A 556 17.42 18.51 -5.35
CA SER A 556 18.69 18.16 -5.95
C SER A 556 19.45 17.22 -5.04
N GLN A 557 19.42 17.53 -3.75
CA GLN A 557 20.06 16.67 -2.75
C GLN A 557 19.47 15.27 -2.77
N ILE A 558 18.14 15.22 -2.89
CA ILE A 558 17.40 13.96 -2.91
C ILE A 558 17.69 13.18 -4.19
N GLU A 559 17.90 13.87 -5.30
CA GLU A 559 18.28 13.21 -6.52
C GLU A 559 19.66 12.59 -6.36
N ASP A 560 20.57 13.31 -5.71
CA ASP A 560 21.88 12.75 -5.49
C ASP A 560 21.73 11.53 -4.60
N PHE A 561 21.12 11.70 -3.44
CA PHE A 561 20.91 10.59 -2.52
C PHE A 561 20.39 9.34 -3.23
N HIS A 562 19.42 9.51 -4.11
CA HIS A 562 18.85 8.41 -4.85
C HIS A 562 19.90 7.67 -5.71
N ALA A 563 20.71 8.45 -6.41
CA ALA A 563 21.85 7.93 -7.15
C ALA A 563 22.83 7.23 -6.22
N LEU A 564 23.21 7.87 -5.11
CA LEU A 564 24.00 7.17 -4.07
C LEU A 564 23.34 5.89 -3.54
N PHE A 565 22.05 5.96 -3.24
CA PHE A 565 21.31 4.80 -2.77
C PHE A 565 21.32 3.68 -3.80
N SER A 566 21.20 4.03 -5.08
CA SER A 566 21.11 3.04 -6.15
C SER A 566 22.46 2.39 -6.32
N HIS A 567 23.51 3.18 -6.19
CA HIS A 567 24.86 2.65 -6.23
C HIS A 567 25.00 1.57 -5.18
N GLN A 568 24.60 1.94 -3.97
CA GLN A 568 24.68 1.04 -2.82
C GLN A 568 23.87 -0.23 -3.06
N TRP A 569 22.64 -0.02 -3.55
CA TRP A 569 21.73 -1.12 -3.78
C TRP A 569 22.32 -2.09 -4.77
N LEU A 570 22.77 -1.55 -5.90
CA LEU A 570 23.25 -2.37 -7.00
C LEU A 570 24.64 -2.97 -6.68
N LYS A 571 25.30 -2.48 -5.64
CA LYS A 571 26.50 -3.13 -5.14
C LYS A 571 26.12 -4.38 -4.37
N GLU A 572 25.18 -4.22 -3.46
CA GLU A 572 24.83 -5.27 -2.54
C GLU A 572 23.83 -6.28 -3.14
N ASN A 573 22.88 -5.80 -3.93
CA ASN A 573 21.68 -6.56 -4.24
C ASN A 573 21.43 -6.75 -5.74
N LYS A 574 20.44 -7.56 -6.07
CA LYS A 574 19.94 -7.62 -7.44
C LYS A 574 19.07 -6.40 -7.70
N VAL A 575 18.94 -6.09 -8.99
CA VAL A 575 18.20 -4.94 -9.49
C VAL A 575 16.73 -4.96 -9.02
N PHE A 576 16.17 -6.16 -8.96
CA PHE A 576 14.75 -6.32 -8.67
C PHE A 576 14.39 -5.78 -7.28
N GLY A 577 13.28 -5.05 -7.18
CA GLY A 577 12.89 -4.45 -5.88
C GLY A 577 13.26 -3.00 -5.78
N LEU A 578 14.39 -2.63 -6.35
CA LEU A 578 14.78 -1.25 -6.39
C LEU A 578 13.66 -0.35 -6.92
N ASP A 579 12.86 -0.92 -7.80
CA ASP A 579 11.71 -0.23 -8.36
C ASP A 579 10.72 0.26 -7.34
N THR A 580 10.61 -0.40 -6.20
CA THR A 580 9.74 0.11 -5.11
C THR A 580 10.28 1.44 -4.51
N VAL A 581 11.59 1.55 -4.41
CA VAL A 581 12.26 2.74 -3.87
C VAL A 581 12.32 3.90 -4.89
N ASP A 582 12.59 3.57 -6.16
CA ASP A 582 12.38 4.49 -7.27
C ASP A 582 11.02 5.15 -7.08
N ILE A 583 9.97 4.32 -7.10
CA ILE A 583 8.59 4.77 -6.93
C ILE A 583 8.41 5.74 -5.76
N ARG A 584 8.96 5.34 -4.62
CA ARG A 584 8.82 6.12 -3.39
C ARG A 584 9.48 7.49 -3.43
N MET A 585 10.75 7.55 -3.82
CA MET A 585 11.45 8.85 -3.90
C MET A 585 10.92 9.70 -5.05
N GLY A 586 10.75 9.09 -6.23
CA GLY A 586 10.06 9.74 -7.34
C GLY A 586 8.84 10.48 -6.83
N GLY A 587 8.06 9.80 -5.99
CA GLY A 587 6.86 10.39 -5.43
C GLY A 587 7.15 11.50 -4.43
N LEU A 588 8.26 11.39 -3.71
CA LEU A 588 8.64 12.42 -2.76
C LEU A 588 8.95 13.67 -3.53
N LEU A 589 9.69 13.51 -4.64
CA LEU A 589 10.18 14.64 -5.39
C LEU A 589 9.00 15.37 -5.96
N GLN A 590 8.11 14.64 -6.58
CA GLN A 590 6.91 15.24 -7.15
C GLN A 590 6.14 16.02 -6.07
N ARG A 591 6.01 15.43 -4.88
CA ARG A 591 5.38 16.16 -3.77
C ARG A 591 6.13 17.44 -3.35
N ILE A 592 7.42 17.49 -3.63
CA ILE A 592 8.18 18.71 -3.42
C ILE A 592 7.77 19.75 -4.47
N LYS A 593 7.67 19.32 -5.73
CA LYS A 593 7.22 20.21 -6.80
C LYS A 593 5.83 20.80 -6.51
N ARG A 594 4.95 20.02 -5.91
CA ARG A 594 3.66 20.55 -5.54
C ARG A 594 3.84 21.71 -4.57
N ALA A 595 4.63 21.49 -3.53
CA ALA A 595 4.87 22.52 -2.54
C ALA A 595 5.40 23.78 -3.22
N GLU A 596 6.30 23.59 -4.18
CA GLU A 596 6.77 24.73 -4.98
C GLU A 596 5.55 25.37 -5.67
N SER A 597 4.83 24.60 -6.49
CA SER A 597 3.77 25.14 -7.32
C SER A 597 2.69 25.82 -6.48
N ARG A 598 2.15 25.11 -5.50
CA ARG A 598 1.03 25.65 -4.73
C ARG A 598 1.39 26.99 -4.08
N ILE A 599 2.63 27.11 -3.60
CA ILE A 599 3.11 28.35 -2.98
C ILE A 599 3.27 29.44 -4.04
N GLU A 600 3.89 29.11 -5.18
CA GLU A 600 4.01 30.06 -6.28
C GLU A 600 2.63 30.62 -6.65
N VAL A 601 1.64 29.75 -6.78
CA VAL A 601 0.27 30.16 -7.15
C VAL A 601 -0.39 31.01 -6.05
N TYR A 602 -0.03 30.80 -4.79
CA TYR A 602 -0.61 31.57 -3.70
C TYR A 602 -0.03 32.99 -3.72
N LEU A 603 1.30 33.05 -3.81
CA LEU A 603 2.05 34.30 -3.91
C LEU A 603 1.53 35.20 -5.03
N ALA A 604 1.15 34.59 -6.15
CA ALA A 604 0.65 35.33 -7.32
C ALA A 604 -0.85 35.65 -7.21
N GLY A 605 -1.47 35.39 -6.05
CA GLY A 605 -2.89 35.70 -5.85
C GLY A 605 -3.86 34.86 -6.65
N GLN A 606 -3.39 33.79 -7.29
CA GLN A 606 -4.26 32.83 -7.97
C GLN A 606 -5.09 32.03 -6.96
N LEU A 607 -4.50 31.68 -5.81
CA LEU A 607 -5.24 31.00 -4.73
C LEU A 607 -5.41 31.92 -3.54
N ASP A 608 -6.51 31.77 -2.82
CA ASP A 608 -6.81 32.60 -1.65
C ASP A 608 -6.25 31.99 -0.36
N ARG A 609 -5.93 30.69 -0.39
CA ARG A 609 -5.33 29.99 0.76
C ARG A 609 -4.78 28.62 0.38
N ILE A 610 -3.56 28.32 0.83
CA ILE A 610 -3.06 26.97 0.77
C ILE A 610 -3.79 26.21 1.87
N ASP A 611 -4.77 25.42 1.47
CA ASP A 611 -5.64 24.71 2.41
C ASP A 611 -4.82 23.72 3.27
N GLU A 612 -3.87 23.06 2.60
CA GLU A 612 -2.89 22.21 3.25
C GLU A 612 -2.38 22.84 4.53
N LEU A 613 -1.91 24.08 4.40
CA LEU A 613 -1.21 24.79 5.47
C LEU A 613 -2.12 25.24 6.63
N GLU A 614 -3.42 24.98 6.49
CA GLU A 614 -4.43 25.43 7.45
C GLU A 614 -4.98 24.30 8.31
N VAL A 615 -4.35 23.13 8.22
CA VAL A 615 -4.78 22.00 9.01
C VAL A 615 -3.92 21.94 10.26
N GLU A 616 -4.56 21.97 11.43
CA GLU A 616 -3.84 21.87 12.68
C GLU A 616 -3.26 20.44 12.83
N ILE A 617 -1.94 20.35 12.76
CA ILE A 617 -1.23 19.07 12.81
C ILE A 617 -1.31 18.38 14.16
N LEU A 618 -1.57 17.09 14.13
CA LEU A 618 -1.78 16.29 15.32
C LEU A 618 -0.56 15.43 15.55
N PRO A 619 -0.51 14.74 16.71
CA PRO A 619 0.45 13.65 16.87
C PRO A 619 0.15 12.48 15.93
N PHE A 620 1.17 11.97 15.28
CA PHE A 620 1.06 10.81 14.40
C PHE A 620 0.68 9.52 15.12
N THR A 621 1.17 9.39 16.36
CA THR A 621 0.97 8.18 17.14
C THR A 621 1.36 8.48 18.58
N ASP A 622 0.74 7.78 19.52
CA ASP A 622 1.11 7.88 20.93
C ASP A 622 1.73 6.55 21.47
N PHE A 623 2.38 5.80 20.59
CA PHE A 623 3.08 4.61 21.01
C PHE A 623 4.07 4.97 22.11
N TYR A 624 4.89 5.99 21.87
CA TYR A 624 5.88 6.47 22.84
C TYR A 624 5.52 7.87 23.38
N ALA A 625 4.24 8.09 23.67
CA ALA A 625 3.78 9.35 24.25
C ALA A 625 4.34 9.50 25.66
N LYS A 627 6.49 10.06 27.99
CA LYS A 627 7.85 10.00 27.46
C LYS A 627 8.35 11.40 27.05
N ASP A 628 9.54 11.77 27.53
CA ASP A 628 9.99 13.18 27.50
C ASP A 628 10.57 13.65 26.15
N PHE A 629 10.93 12.71 25.29
CA PHE A 629 11.36 13.06 23.92
C PHE A 629 10.14 13.11 23.00
N ALA A 630 10.30 13.79 21.86
CA ALA A 630 9.26 13.95 20.83
C ALA A 630 9.33 12.92 19.68
N ALA A 631 10.50 12.30 19.49
CA ALA A 631 10.65 11.31 18.43
C ALA A 631 9.67 10.18 18.61
N THR A 632 9.60 9.33 17.60
CA THR A 632 8.77 8.12 17.67
C THR A 632 9.22 7.06 16.66
N THR A 633 8.41 6.00 16.61
CA THR A 633 8.62 4.85 15.75
C THR A 633 7.54 4.99 14.67
N ALA A 634 7.92 4.86 13.40
CA ALA A 634 6.99 5.00 12.29
C ALA A 634 7.62 4.45 11.02
N ASN A 635 7.30 3.20 10.73
CA ASN A 635 8.07 2.46 9.75
C ASN A 635 7.21 1.85 8.65
N GLN A 636 6.17 2.55 8.25
CA GLN A 636 5.41 2.22 7.06
C GLN A 636 5.47 3.39 6.10
N TRP A 637 6.06 3.17 4.94
CA TRP A 637 6.24 4.23 3.97
C TRP A 637 4.89 4.88 3.64
N HIS A 638 3.85 4.08 3.43
CA HIS A 638 2.61 4.63 2.87
C HIS A 638 1.86 5.51 3.87
N THR A 639 2.05 5.28 5.16
CA THR A 639 1.36 6.09 6.15
C THR A 639 2.23 7.25 6.57
N ILE A 640 3.54 7.17 6.33
CA ILE A 640 4.41 8.32 6.57
C ILE A 640 4.14 9.41 5.54
N ALA A 641 4.08 9.01 4.27
CA ALA A 641 4.07 9.92 3.14
C ALA A 641 2.73 10.59 2.82
N THR A 642 1.64 10.16 3.42
CA THR A 642 0.31 10.60 2.98
C THR A 642 -0.77 10.14 3.95
N ALA A 643 -1.64 11.07 4.31
CA ALA A 643 -2.80 10.71 5.13
C ALA A 643 -3.98 10.18 4.27
N SER A 644 -3.83 10.24 2.94
CA SER A 644 -4.85 9.75 2.02
C SER A 644 -4.76 8.24 1.90
N THR A 645 -5.67 7.64 1.13
CA THR A 645 -5.57 6.22 0.85
C THR A 645 -4.66 6.08 -0.33
N ILE A 646 -3.62 5.26 -0.22
CA ILE A 646 -2.84 4.89 -1.41
C ILE A 646 -3.16 3.44 -1.80
N TYR A 647 -3.79 2.70 -0.89
CA TYR A 647 -3.71 1.24 -0.88
C TYR A 647 -5.07 0.56 -1.04
N THR A 648 -6.06 1.07 -0.32
CA THR A 648 -7.40 0.49 -0.37
C THR A 648 -8.12 0.83 -1.67
N THR A 649 -9.25 0.17 -1.90
CA THR A 649 -10.25 0.62 -2.88
C THR A 649 -11.13 1.75 -2.33
N VAL B 25 -38.15 36.06 -21.89
CA VAL B 25 -39.01 35.02 -21.22
C VAL B 25 -39.82 35.67 -20.13
N ARG B 26 -41.13 35.53 -20.20
CA ARG B 26 -42.02 35.97 -19.13
C ARG B 26 -42.90 34.79 -18.74
N PHE B 27 -42.60 34.17 -17.60
CA PHE B 27 -43.39 33.05 -17.12
C PHE B 27 -44.40 33.56 -16.08
N THR B 28 -45.63 33.07 -16.16
CA THR B 28 -46.67 33.36 -15.16
C THR B 28 -46.76 32.24 -14.12
N GLY B 29 -47.41 32.53 -13.00
CA GLY B 29 -47.71 31.51 -12.00
C GLY B 29 -46.54 30.91 -11.24
N LEU B 30 -45.36 31.51 -11.39
CA LEU B 30 -44.16 31.05 -10.68
C LEU B 30 -44.03 31.80 -9.36
N SER B 31 -43.08 31.34 -8.54
CA SER B 31 -42.82 31.92 -7.22
C SER B 31 -41.48 32.66 -7.21
N LEU B 32 -41.08 33.15 -6.04
CA LEU B 32 -39.77 33.79 -5.87
C LEU B 32 -38.62 32.77 -5.88
N LYS B 33 -38.78 31.70 -5.09
CA LYS B 33 -37.82 30.58 -5.06
C LYS B 33 -37.62 29.97 -6.46
N GLN B 34 -38.71 29.74 -7.17
CA GLN B 34 -38.65 29.22 -8.53
C GLN B 34 -37.91 30.18 -9.45
N THR B 35 -38.13 31.48 -9.26
CA THR B 35 -37.50 32.50 -10.11
C THR B 35 -35.98 32.60 -9.89
N GLN B 36 -35.57 32.62 -8.63
CA GLN B 36 -34.14 32.62 -8.28
C GLN B 36 -33.49 31.33 -8.79
N ALA B 37 -34.18 30.20 -8.58
CA ALA B 37 -33.77 28.91 -9.19
C ALA B 37 -33.55 29.03 -10.70
N ILE B 38 -34.52 29.61 -11.39
CA ILE B 38 -34.45 29.74 -12.86
C ILE B 38 -33.37 30.75 -13.33
N GLU B 39 -33.02 31.72 -12.47
CA GLU B 39 -31.96 32.68 -12.77
C GLU B 39 -30.61 31.97 -12.88
N VAL B 40 -30.28 31.15 -11.87
CA VAL B 40 -29.07 30.32 -11.89
C VAL B 40 -29.09 29.37 -13.10
N LEU B 41 -30.22 28.72 -13.34
CA LEU B 41 -30.36 27.81 -14.47
C LEU B 41 -30.16 28.49 -15.82
N LYS B 42 -30.40 29.80 -15.88
CA LYS B 42 -30.11 30.58 -17.08
C LYS B 42 -28.65 30.46 -17.52
N GLY B 43 -27.74 30.36 -16.55
CA GLY B 43 -26.33 30.05 -16.85
C GLY B 43 -26.06 28.70 -17.49
N HIS B 44 -27.10 27.89 -17.72
CA HIS B 44 -26.99 26.59 -18.39
C HIS B 44 -27.83 26.53 -19.66
N ILE B 45 -29.14 26.70 -19.50
CA ILE B 45 -30.07 26.66 -20.61
C ILE B 45 -30.34 28.10 -21.04
N SER B 46 -30.50 28.31 -22.35
CA SER B 46 -30.95 29.61 -22.87
C SER B 46 -32.46 29.55 -23.05
N LEU B 47 -33.18 30.26 -22.19
CA LEU B 47 -34.64 30.33 -22.29
C LEU B 47 -35.07 31.23 -23.47
N PRO B 48 -36.11 30.81 -24.21
CA PRO B 48 -36.69 31.59 -25.30
C PRO B 48 -37.55 32.77 -24.79
N ASP B 49 -37.88 33.70 -25.68
CA ASP B 49 -38.78 34.81 -25.34
C ASP B 49 -40.21 34.35 -25.60
N VAL B 50 -40.83 33.76 -24.58
CA VAL B 50 -42.18 33.20 -24.70
C VAL B 50 -42.99 33.48 -23.44
N GLU B 51 -44.31 33.44 -23.60
CA GLU B 51 -45.24 33.47 -22.47
C GLU B 51 -45.38 32.04 -21.96
N VAL B 52 -45.20 31.83 -20.65
CA VAL B 52 -45.31 30.49 -20.09
C VAL B 52 -46.05 30.47 -18.76
N ALA B 53 -47.16 29.74 -18.71
CA ALA B 53 -47.92 29.56 -17.48
C ALA B 53 -47.50 28.26 -16.79
N VAL B 54 -46.73 28.40 -15.72
CA VAL B 54 -46.28 27.26 -14.92
C VAL B 54 -47.25 27.05 -13.76
N THR B 55 -47.73 25.82 -13.58
CA THR B 55 -48.66 25.50 -12.49
C THR B 55 -48.48 24.05 -12.05
N GLN B 56 -48.62 23.80 -10.74
CA GLN B 56 -48.50 22.45 -10.18
C GLN B 56 -49.76 21.64 -10.50
N SER B 57 -49.58 20.48 -11.10
CA SER B 57 -50.69 19.58 -11.38
C SER B 57 -50.25 18.13 -11.18
N ASP B 58 -51.11 17.36 -10.49
CA ASP B 58 -50.91 15.92 -10.35
C ASP B 58 -51.10 15.15 -11.68
N GLN B 59 -51.71 15.79 -12.69
CA GLN B 59 -52.06 15.15 -13.97
C GLN B 59 -50.95 14.24 -14.49
N ALA B 60 -49.73 14.75 -14.54
CA ALA B 60 -48.58 13.95 -14.90
C ALA B 60 -47.34 14.48 -14.20
N SER B 61 -46.25 13.71 -14.20
CA SER B 61 -44.98 14.19 -13.68
C SER B 61 -44.67 15.54 -14.29
N ILE B 62 -44.57 15.56 -15.62
CA ILE B 62 -44.30 16.78 -16.40
C ILE B 62 -45.29 16.91 -17.56
N SER B 63 -45.82 18.11 -17.78
CA SER B 63 -46.65 18.33 -18.97
C SER B 63 -46.52 19.73 -19.55
N ILE B 64 -46.53 19.79 -20.89
CA ILE B 64 -46.38 21.03 -21.63
C ILE B 64 -47.26 20.97 -22.87
N GLU B 65 -48.08 22.00 -23.05
CA GLU B 65 -48.99 22.12 -24.19
C GLU B 65 -49.01 23.59 -24.62
N GLY B 66 -48.58 23.88 -25.84
CA GLY B 66 -48.67 25.26 -26.35
C GLY B 66 -48.23 25.49 -27.79
N GLU B 67 -48.64 26.65 -28.32
CA GLU B 67 -48.24 27.10 -29.65
C GLU B 67 -48.28 28.64 -29.73
N GLU B 68 -47.45 29.20 -30.63
CA GLU B 68 -47.41 30.64 -30.93
C GLU B 68 -47.01 31.52 -29.72
N GLY B 69 -45.90 31.15 -29.07
CA GLY B 69 -45.35 31.95 -27.97
C GLY B 69 -45.90 31.63 -26.60
N HIS B 70 -47.13 31.11 -26.55
CA HIS B 70 -47.83 30.87 -25.29
C HIS B 70 -47.92 29.36 -25.06
N TYR B 71 -47.36 28.92 -23.94
CA TYR B 71 -47.22 27.51 -23.65
C TYR B 71 -47.52 27.25 -22.16
N GLN B 72 -48.45 26.33 -21.90
CA GLN B 72 -48.79 25.97 -20.51
C GLN B 72 -47.94 24.78 -20.05
N LEU B 73 -47.24 24.95 -18.93
CA LEU B 73 -46.34 23.94 -18.38
C LEU B 73 -46.81 23.53 -17.00
N THR B 74 -46.78 22.22 -16.72
CA THR B 74 -47.19 21.73 -15.41
C THR B 74 -46.27 20.64 -14.87
N TYR B 75 -46.24 20.52 -13.54
CA TYR B 75 -45.40 19.56 -12.84
C TYR B 75 -46.13 19.05 -11.60
N ARG B 76 -45.87 17.79 -11.21
CA ARG B 76 -46.44 17.26 -9.98
C ARG B 76 -45.58 17.67 -8.77
N LYS B 77 -44.30 17.30 -8.79
CA LYS B 77 -43.32 17.66 -7.76
C LYS B 77 -42.52 18.85 -8.24
N PRO B 78 -42.17 19.77 -7.33
CA PRO B 78 -41.58 21.03 -7.80
C PRO B 78 -40.25 20.86 -8.54
N HIS B 79 -39.43 19.88 -8.17
CA HIS B 79 -38.14 19.70 -8.87
C HIS B 79 -38.33 19.30 -10.37
N GLN B 80 -39.47 18.72 -10.71
CA GLN B 80 -39.77 18.43 -12.10
C GLN B 80 -39.88 19.70 -12.99
N LEU B 81 -40.17 20.84 -12.38
CA LEU B 81 -40.20 22.14 -13.06
C LEU B 81 -38.94 22.45 -13.88
N TYR B 82 -37.79 22.01 -13.37
CA TYR B 82 -36.50 22.39 -13.93
C TYR B 82 -36.12 21.47 -15.09
N ARG B 83 -36.54 20.22 -15.02
CA ARG B 83 -36.45 19.33 -16.19
C ARG B 83 -37.44 19.79 -17.27
N ALA B 84 -38.63 20.22 -16.84
CA ALA B 84 -39.62 20.76 -17.76
C ALA B 84 -39.04 21.95 -18.52
N LEU B 85 -38.28 22.80 -17.82
CA LEU B 85 -37.62 23.94 -18.46
C LEU B 85 -36.64 23.46 -19.52
N SER B 86 -35.92 22.39 -19.24
CA SER B 86 -34.95 21.83 -20.19
C SER B 86 -35.68 21.26 -21.41
N LEU B 87 -36.83 20.63 -21.18
CA LEU B 87 -37.62 20.03 -22.26
C LEU B 87 -38.23 21.11 -23.15
N LEU B 88 -38.66 22.21 -22.53
CA LEU B 88 -39.20 23.34 -23.27
C LEU B 88 -38.12 24.00 -24.14
N VAL B 89 -37.10 24.54 -23.49
CA VAL B 89 -35.97 25.16 -24.20
C VAL B 89 -35.48 24.31 -25.37
N THR B 90 -35.60 22.99 -25.25
CA THR B 90 -35.24 22.08 -26.35
C THR B 90 -36.25 22.14 -27.51
N VAL B 91 -37.50 21.78 -27.24
CA VAL B 91 -38.50 21.69 -28.30
C VAL B 91 -38.59 23.01 -29.09
N LEU B 92 -38.61 24.13 -28.37
CA LEU B 92 -38.73 25.48 -28.96
C LEU B 92 -37.46 25.99 -29.65
N ALA B 93 -36.43 25.16 -29.71
CA ALA B 93 -35.27 25.45 -30.59
C ALA B 93 -35.70 25.15 -32.02
N GLU B 94 -36.57 24.15 -32.19
CA GLU B 94 -37.25 23.91 -33.46
C GLU B 94 -38.73 24.35 -33.38
N ALA B 95 -39.63 23.42 -33.05
CA ALA B 95 -41.08 23.67 -33.18
C ALA B 95 -41.60 24.86 -32.37
N ASP B 96 -42.78 25.34 -32.77
CA ASP B 96 -43.44 26.46 -32.10
C ASP B 96 -44.24 25.92 -30.92
N VAL B 98 -46.17 22.50 -29.37
CA VAL B 98 -45.60 21.69 -28.29
C VAL B 98 -46.70 20.88 -27.60
N GLU B 99 -46.56 19.55 -27.66
CA GLU B 99 -47.36 18.63 -26.86
C GLU B 99 -46.44 17.57 -26.20
N ILE B 100 -46.16 17.78 -24.91
CA ILE B 100 -45.30 16.88 -24.13
C ILE B 100 -46.01 16.46 -22.84
N GLU B 101 -45.99 15.14 -22.56
CA GLU B 101 -46.49 14.58 -21.28
C GLU B 101 -45.57 13.46 -20.73
N GLU B 102 -45.13 13.59 -19.47
CA GLU B 102 -44.31 12.54 -18.83
C GLU B 102 -44.93 12.00 -17.55
N GLN B 103 -44.87 10.67 -17.43
CA GLN B 103 -45.38 9.92 -16.30
C GLN B 103 -44.22 9.13 -15.69
N ALA B 104 -43.55 9.73 -14.71
CA ALA B 104 -42.32 9.16 -14.17
C ALA B 104 -42.52 7.82 -13.48
N ALA B 105 -41.55 6.93 -13.65
CA ALA B 105 -41.60 5.58 -13.11
C ALA B 105 -41.23 5.51 -11.62
N TYR B 106 -40.22 6.27 -11.23
CA TYR B 106 -39.68 6.17 -9.88
C TYR B 106 -40.04 7.39 -9.04
N GLU B 107 -40.56 7.13 -7.84
CA GLU B 107 -40.87 8.18 -6.87
C GLU B 107 -39.62 9.00 -6.54
N ASP B 108 -38.45 8.39 -6.67
CA ASP B 108 -37.21 9.05 -6.35
C ASP B 108 -36.06 8.56 -7.22
N LEU B 109 -35.23 9.50 -7.64
CA LEU B 109 -34.13 9.24 -8.53
C LEU B 109 -32.93 10.06 -8.06
N ALA B 110 -31.89 9.36 -7.60
CA ALA B 110 -30.77 9.97 -6.92
C ALA B 110 -29.46 9.73 -7.65
N TYR B 111 -28.52 10.64 -7.48
CA TYR B 111 -27.14 10.37 -7.84
C TYR B 111 -26.31 10.46 -6.56
N MET B 112 -25.39 9.52 -6.40
CA MET B 112 -24.55 9.43 -5.22
C MET B 112 -23.09 9.59 -5.57
N VAL B 113 -22.53 10.75 -5.25
CA VAL B 113 -21.10 11.02 -5.51
C VAL B 113 -20.21 10.36 -4.44
N ASP B 114 -19.15 9.68 -4.88
CA ASP B 114 -18.12 9.14 -3.96
C ASP B 114 -17.20 10.27 -3.48
N CYS B 115 -17.12 10.44 -2.17
CA CYS B 115 -16.23 11.46 -1.61
C CYS B 115 -15.31 10.90 -0.53
N SER B 116 -15.06 9.60 -0.58
CA SER B 116 -14.23 8.95 0.38
C SER B 116 -13.00 8.29 -0.25
N ARG B 117 -12.87 8.34 -1.57
CA ARG B 117 -11.77 7.64 -2.22
C ARG B 117 -10.61 8.56 -2.59
N ASN B 118 -10.53 9.69 -1.87
CA ASN B 118 -9.57 10.77 -2.10
C ASN B 118 -10.12 11.96 -2.86
N ALA B 119 -11.17 11.73 -3.64
CA ALA B 119 -11.79 12.82 -4.38
C ALA B 119 -12.88 13.39 -3.49
N VAL B 120 -12.64 14.56 -2.93
CA VAL B 120 -13.71 15.26 -2.26
C VAL B 120 -14.21 16.36 -3.18
N LEU B 121 -15.40 16.14 -3.73
CA LEU B 121 -16.08 17.15 -4.55
C LEU B 121 -16.23 18.48 -3.80
N ASN B 122 -15.53 19.50 -4.26
CA ASN B 122 -15.55 20.78 -3.59
C ASN B 122 -16.93 21.46 -3.76
N VAL B 123 -17.19 22.49 -2.97
CA VAL B 123 -18.55 23.03 -2.82
C VAL B 123 -19.09 23.65 -4.12
N ALA B 124 -18.27 24.42 -4.82
CA ALA B 124 -18.67 24.96 -6.12
C ALA B 124 -19.00 23.90 -7.17
N SER B 125 -18.41 22.71 -7.05
CA SER B 125 -18.72 21.66 -7.99
C SER B 125 -20.02 20.92 -7.65
N ALA B 126 -20.33 20.81 -6.36
CA ALA B 126 -21.61 20.27 -5.92
C ALA B 126 -22.76 21.07 -6.53
N LYS B 127 -22.65 22.39 -6.46
CA LYS B 127 -23.71 23.27 -6.95
C LYS B 127 -23.93 23.00 -8.42
N GLN B 128 -22.86 23.09 -9.20
CA GLN B 128 -22.96 22.77 -10.60
C GLN B 128 -23.64 21.42 -10.74
N MET B 129 -23.17 20.43 -9.97
CA MET B 129 -23.76 19.12 -10.08
C MET B 129 -25.26 19.20 -9.86
N ILE B 130 -25.64 19.77 -8.73
CA ILE B 130 -27.04 19.94 -8.34
C ILE B 130 -27.82 20.56 -9.49
N GLU B 131 -27.26 21.64 -10.06
CA GLU B 131 -27.88 22.37 -11.17
C GLU B 131 -28.20 21.42 -12.35
N ILE B 132 -27.16 20.72 -12.82
CA ILE B 132 -27.30 19.77 -13.90
C ILE B 132 -28.35 18.70 -13.58
N LEU B 133 -28.25 18.13 -12.37
CA LEU B 133 -29.18 17.09 -11.93
C LEU B 133 -30.63 17.56 -11.98
N ALA B 134 -30.85 18.82 -11.61
CA ALA B 134 -32.22 19.33 -11.57
C ALA B 134 -32.80 19.37 -12.98
N LEU B 135 -32.05 19.96 -13.91
CA LEU B 135 -32.41 19.95 -15.32
C LEU B 135 -32.62 18.51 -15.79
N MET B 136 -31.93 17.55 -15.19
CA MET B 136 -32.03 16.17 -15.65
C MET B 136 -33.31 15.44 -15.22
N GLY B 137 -33.84 15.74 -14.04
CA GLY B 137 -35.03 15.05 -13.51
C GLY B 137 -34.82 14.34 -12.18
N TYR B 138 -33.58 14.35 -11.67
CA TYR B 138 -33.22 13.71 -10.40
C TYR B 138 -33.97 14.39 -9.23
N SER B 139 -34.38 13.60 -8.23
CA SER B 139 -34.98 14.17 -7.01
C SER B 139 -34.00 14.28 -5.88
N THR B 140 -32.81 13.73 -6.06
CA THR B 140 -31.93 13.55 -4.91
C THR B 140 -30.46 13.60 -5.25
N PHE B 141 -29.68 14.06 -4.28
CA PHE B 141 -28.23 14.20 -4.37
C PHE B 141 -27.65 13.53 -3.15
N GLU B 142 -26.58 12.74 -3.35
CA GLU B 142 -25.98 11.99 -2.24
C GLU B 142 -24.47 12.04 -2.31
N LEU B 143 -23.86 12.12 -1.13
CA LEU B 143 -22.43 12.11 -1.00
C LEU B 143 -22.10 10.90 -0.14
N TYR B 144 -21.13 10.12 -0.58
CA TYR B 144 -20.68 8.94 0.15
C TYR B 144 -19.44 9.34 0.92
N MET B 145 -19.55 9.29 2.23
CA MET B 145 -18.55 9.86 3.12
C MET B 145 -18.20 8.91 4.25
N GLU B 146 -17.13 8.15 4.08
CA GLU B 146 -16.67 7.21 5.11
C GLU B 146 -16.20 7.98 6.34
N ASP B 147 -15.09 8.69 6.21
CA ASP B 147 -14.50 9.46 7.31
C ASP B 147 -14.37 10.92 6.91
N THR B 148 -15.19 11.34 5.98
CA THR B 148 -14.86 12.49 5.21
C THR B 148 -15.90 13.60 5.45
N TYR B 149 -16.50 13.54 6.63
CA TYR B 149 -17.27 14.63 7.24
C TYR B 149 -16.77 14.84 8.66
N GLN B 150 -16.77 16.08 9.15
CA GLN B 150 -16.22 16.38 10.48
C GLN B 150 -17.16 16.10 11.65
N ILE B 151 -16.60 15.57 12.74
CA ILE B 151 -17.37 15.11 13.90
C ILE B 151 -16.79 15.71 15.17
N GLU B 152 -17.59 16.44 15.95
CA GLU B 152 -17.08 17.11 17.15
C GLU B 152 -16.42 16.12 18.12
N GLY B 153 -15.17 16.39 18.48
CA GLY B 153 -14.44 15.59 19.46
C GLY B 153 -13.86 14.33 18.87
N GLN B 154 -13.59 14.37 17.55
CA GLN B 154 -13.00 13.26 16.81
C GLN B 154 -12.03 13.86 15.80
N PRO B 155 -10.91 14.37 16.29
CA PRO B 155 -10.02 15.07 15.38
C PRO B 155 -9.36 14.19 14.30
N TYR B 156 -9.24 12.88 14.56
CA TYR B 156 -8.54 12.03 13.60
C TYR B 156 -9.43 11.62 12.42
N PHE B 157 -10.73 11.90 12.55
CA PHE B 157 -11.75 11.53 11.56
C PHE B 157 -11.79 12.59 10.47
N GLY B 158 -11.29 12.21 9.29
CA GLY B 158 -11.15 13.12 8.16
C GLY B 158 -9.88 13.95 8.18
N TYR B 159 -9.04 13.74 9.18
CA TYR B 159 -7.81 14.50 9.38
C TYR B 159 -7.04 14.56 8.09
N PHE B 160 -6.82 15.77 7.57
CA PHE B 160 -6.12 15.98 6.29
C PHE B 160 -6.75 15.29 5.05
N ARG B 161 -8.00 14.81 5.15
CA ARG B 161 -8.68 14.17 4.00
C ARG B 161 -9.68 15.11 3.32
N GLY B 162 -9.58 16.41 3.59
CA GLY B 162 -10.53 17.38 3.08
C GLY B 162 -11.94 17.08 3.49
N ALA B 163 -12.11 16.56 4.70
CA ALA B 163 -13.43 16.30 5.26
C ALA B 163 -14.34 17.54 5.17
N TYR B 164 -15.62 17.34 4.82
CA TYR B 164 -16.63 18.42 4.88
C TYR B 164 -16.88 18.87 6.33
N SER B 165 -17.01 20.17 6.50
CA SER B 165 -17.41 20.75 7.78
C SER B 165 -18.93 20.83 7.90
N ALA B 166 -19.38 21.14 9.12
CA ALA B 166 -20.75 21.50 9.41
C ALA B 166 -21.34 22.46 8.34
N GLU B 167 -20.77 23.66 8.24
CA GLU B 167 -21.29 24.68 7.32
C GLU B 167 -21.26 24.23 5.84
N GLU B 168 -20.23 23.48 5.45
CA GLU B 168 -20.08 23.01 4.06
C GLU B 168 -21.20 22.07 3.63
N LEU B 169 -21.56 21.13 4.51
CA LEU B 169 -22.64 20.21 4.23
C LEU B 169 -23.97 20.96 4.21
N GLN B 170 -24.06 22.02 5.02
CA GLN B 170 -25.29 22.80 5.04
C GLN B 170 -25.40 23.64 3.78
N GLU B 171 -24.29 24.26 3.37
CA GLU B 171 -24.33 25.06 2.17
C GLU B 171 -24.84 24.21 1.00
N ILE B 172 -24.17 23.07 0.76
CA ILE B 172 -24.56 22.10 -0.26
C ILE B 172 -26.04 21.72 -0.19
N GLU B 173 -26.57 21.41 1.00
CA GLU B 173 -27.98 20.99 1.11
C GLU B 173 -28.97 22.13 0.81
N ALA B 174 -28.70 23.33 1.34
CA ALA B 174 -29.50 24.55 1.04
C ALA B 174 -29.54 24.84 -0.45
N TYR B 175 -28.46 24.53 -1.13
CA TYR B 175 -28.43 24.71 -2.57
C TYR B 175 -29.33 23.71 -3.29
N ALA B 176 -29.35 22.46 -2.81
CA ALA B 176 -30.27 21.45 -3.33
C ALA B 176 -31.72 21.78 -2.98
N GLN B 177 -31.89 22.55 -1.92
CA GLN B 177 -33.20 22.96 -1.46
C GLN B 177 -33.76 23.97 -2.45
N GLN B 178 -32.87 24.77 -3.03
CA GLN B 178 -33.27 25.78 -4.01
C GLN B 178 -33.87 25.19 -5.28
N PHE B 179 -33.70 23.89 -5.49
CA PHE B 179 -34.27 23.19 -6.64
C PHE B 179 -35.21 22.09 -6.19
N ASP B 180 -35.61 22.15 -4.93
CA ASP B 180 -36.38 21.09 -4.30
C ASP B 180 -35.76 19.69 -4.52
N VAL B 181 -34.42 19.62 -4.55
CA VAL B 181 -33.72 18.35 -4.63
C VAL B 181 -33.28 18.03 -3.22
N THR B 182 -33.56 16.80 -2.80
CA THR B 182 -33.21 16.34 -1.45
C THR B 182 -31.75 15.92 -1.37
N PHE B 183 -31.13 16.16 -0.21
CA PHE B 183 -29.76 15.67 0.07
C PHE B 183 -29.77 14.49 1.02
N VAL B 184 -28.92 13.50 0.72
CA VAL B 184 -28.80 12.32 1.56
C VAL B 184 -27.34 11.93 1.75
N PRO B 185 -26.82 12.05 2.98
CA PRO B 185 -25.45 11.57 3.20
C PRO B 185 -25.45 10.07 3.30
N CYS B 186 -24.47 9.46 2.68
CA CYS B 186 -24.24 8.04 2.88
C CYS B 186 -22.98 7.90 3.71
N ILE B 187 -23.05 7.13 4.79
CA ILE B 187 -21.92 6.97 5.71
C ILE B 187 -21.66 5.50 6.00
N GLN B 188 -20.78 5.22 6.96
CA GLN B 188 -20.46 3.86 7.35
C GLN B 188 -20.46 3.76 8.85
N THR B 189 -21.26 2.83 9.37
CA THR B 189 -21.43 2.68 10.81
C THR B 189 -20.74 1.43 11.36
N LEU B 190 -19.85 0.82 10.58
CA LEU B 190 -19.15 -0.40 10.99
C LEU B 190 -17.82 -0.62 10.28
N ALA B 191 -17.86 -0.69 8.96
CA ALA B 191 -16.68 -1.01 8.17
C ALA B 191 -16.46 0.03 7.07
N HIS B 192 -15.36 -0.13 6.34
CA HIS B 192 -14.96 0.79 5.28
C HIS B 192 -14.60 2.15 5.85
N LEU B 193 -13.73 2.15 6.85
CA LEU B 193 -13.27 3.36 7.50
C LEU B 193 -11.75 3.38 7.59
N SER B 194 -11.10 2.73 6.63
CA SER B 194 -9.64 2.53 6.65
C SER B 194 -8.83 3.80 6.89
N ALA B 195 -9.22 4.92 6.27
CA ALA B 195 -8.46 6.18 6.45
C ALA B 195 -8.49 6.67 7.90
N PHE B 196 -9.57 6.34 8.60
CA PHE B 196 -9.73 6.71 10.00
C PHE B 196 -8.95 5.80 10.95
N VAL B 197 -9.13 4.49 10.83
CA VAL B 197 -8.60 3.52 11.81
C VAL B 197 -7.08 3.31 11.76
N LYS B 198 -6.43 3.84 10.73
CA LYS B 198 -5.00 3.64 10.58
C LYS B 198 -4.22 4.39 11.64
N TRP B 199 -4.84 5.39 12.26
CA TRP B 199 -4.07 6.28 13.16
C TRP B 199 -3.77 5.64 14.51
N GLY B 200 -2.49 5.43 14.82
CA GLY B 200 -2.08 4.75 16.05
C GLY B 200 -2.20 5.59 17.32
N VAL B 201 -3.41 5.85 17.77
CA VAL B 201 -3.60 6.49 19.07
C VAL B 201 -4.71 5.74 19.79
N LYS B 202 -4.58 5.62 21.12
CA LYS B 202 -5.52 4.82 21.90
C LYS B 202 -6.94 5.19 21.54
N GLU B 203 -7.18 6.47 21.25
CA GLU B 203 -8.53 6.99 21.01
C GLU B 203 -9.16 6.34 19.80
N VAL B 204 -8.34 6.04 18.81
CA VAL B 204 -8.77 5.44 17.57
C VAL B 204 -8.64 3.91 17.62
N GLN B 205 -7.47 3.46 18.08
CA GLN B 205 -7.12 2.04 18.05
C GLN B 205 -8.00 1.18 18.94
N GLU B 206 -8.50 1.74 20.02
CA GLU B 206 -9.41 0.96 20.85
C GLU B 206 -10.85 0.94 20.31
N LEU B 207 -11.07 1.51 19.12
CA LEU B 207 -12.36 1.40 18.43
C LEU B 207 -12.37 0.29 17.38
N ARG B 208 -11.29 -0.50 17.32
CA ARG B 208 -11.07 -1.39 16.19
C ARG B 208 -11.33 -2.84 16.48
N ASP B 209 -12.04 -3.50 15.55
CA ASP B 209 -12.03 -4.95 15.49
C ASP B 209 -10.78 -5.45 14.72
N VAL B 210 -10.70 -5.17 13.41
CA VAL B 210 -9.62 -5.67 12.55
C VAL B 210 -9.72 -5.06 11.16
N GLU B 211 -8.58 -4.93 10.48
CA GLU B 211 -8.55 -4.28 9.20
C GLU B 211 -9.36 -2.96 9.29
N ASP B 212 -10.31 -2.76 8.36
CA ASP B 212 -11.06 -1.50 8.29
C ASP B 212 -12.32 -1.43 9.19
N ILE B 213 -12.58 -2.47 9.99
CA ILE B 213 -13.84 -2.64 10.72
C ILE B 213 -13.78 -2.10 12.17
N LEU B 214 -14.93 -1.65 12.69
CA LEU B 214 -15.04 -1.18 14.08
C LEU B 214 -15.42 -2.28 15.06
N LEU B 215 -15.02 -2.07 16.30
CA LEU B 215 -15.24 -3.06 17.34
C LEU B 215 -16.68 -3.03 17.78
N ILE B 216 -17.41 -4.09 17.44
CA ILE B 216 -18.80 -4.20 17.83
C ILE B 216 -18.90 -4.42 19.34
N GLY B 217 -19.91 -3.80 19.94
CA GLY B 217 -20.12 -3.92 21.38
C GLY B 217 -19.36 -2.93 22.22
N GLU B 218 -18.27 -2.36 21.71
CA GLU B 218 -17.48 -1.37 22.46
C GLU B 218 -18.24 -0.03 22.61
N GLU B 219 -18.55 0.33 23.86
CA GLU B 219 -19.35 1.53 24.14
C GLU B 219 -18.74 2.78 23.55
N LYS B 220 -17.41 2.85 23.52
CA LYS B 220 -16.73 3.94 22.89
C LYS B 220 -17.04 3.99 21.39
N VAL B 221 -17.17 2.84 20.72
CA VAL B 221 -17.54 2.84 19.30
C VAL B 221 -18.93 3.46 19.10
N TYR B 222 -19.86 3.15 20.00
CA TYR B 222 -21.19 3.76 19.92
C TYR B 222 -21.20 5.23 20.30
N ASP B 223 -20.19 5.69 21.05
CA ASP B 223 -20.06 7.12 21.29
C ASP B 223 -19.84 7.86 19.96
N LEU B 224 -18.84 7.41 19.21
CA LEU B 224 -18.54 7.91 17.86
C LEU B 224 -19.75 7.83 16.91
N ILE B 225 -20.53 6.76 17.02
CA ILE B 225 -21.70 6.63 16.19
C ILE B 225 -22.78 7.65 16.59
N ASP B 226 -22.84 8.02 17.86
CA ASP B 226 -23.62 9.20 18.22
C ASP B 226 -23.06 10.45 17.58
N GLY B 227 -21.73 10.56 17.64
CA GLY B 227 -21.04 11.68 17.02
C GLY B 227 -21.47 11.88 15.58
N MET B 228 -21.53 10.76 14.85
CA MET B 228 -21.84 10.78 13.43
C MET B 228 -23.21 11.39 13.20
N PHE B 229 -24.17 10.95 14.00
CA PHE B 229 -25.53 11.41 13.86
C PHE B 229 -25.78 12.83 14.38
N ALA B 230 -25.17 13.19 15.50
CA ALA B 230 -25.23 14.56 16.01
C ALA B 230 -24.89 15.55 14.87
N THR B 231 -23.72 15.35 14.24
CA THR B 231 -23.27 16.13 13.10
C THR B 231 -24.28 16.13 11.93
N LEU B 232 -24.69 14.95 11.48
CA LEU B 232 -25.70 14.85 10.42
C LEU B 232 -27.07 15.46 10.79
N SER B 233 -27.39 15.55 12.09
CA SER B 233 -28.66 16.14 12.53
C SER B 233 -28.69 17.67 12.37
N LYS B 234 -27.51 18.29 12.23
CA LYS B 234 -27.47 19.71 11.89
C LYS B 234 -28.17 19.98 10.56
N LEU B 235 -28.24 18.96 9.69
CA LEU B 235 -28.87 19.11 8.37
C LEU B 235 -30.42 19.10 8.44
N LYS B 236 -31.06 19.46 7.34
CA LYS B 236 -32.53 19.44 7.25
C LYS B 236 -33.02 18.03 6.92
N THR B 237 -32.26 17.32 6.08
CA THR B 237 -32.62 15.96 5.70
C THR B 237 -32.65 15.06 6.92
N ARG B 238 -33.59 14.14 6.94
CA ARG B 238 -33.58 13.06 7.91
C ARG B 238 -33.60 11.69 7.21
N LYS B 239 -32.98 11.64 6.03
CA LYS B 239 -32.74 10.40 5.28
C LYS B 239 -31.22 10.09 5.23
N VAL B 240 -30.83 8.86 5.59
CA VAL B 240 -29.42 8.45 5.64
C VAL B 240 -29.18 7.02 5.17
N ASN B 241 -27.98 6.78 4.62
CA ASN B 241 -27.48 5.43 4.29
C ASN B 241 -26.42 5.10 5.30
N ILE B 242 -26.70 4.19 6.19
CA ILE B 242 -25.78 3.87 7.29
C ILE B 242 -24.67 2.95 6.80
N GLY B 243 -24.91 2.27 5.69
CA GLY B 243 -23.86 1.59 4.96
C GLY B 243 -23.91 0.13 5.28
N MET B 244 -23.12 -0.29 6.25
CA MET B 244 -23.23 -1.62 6.81
C MET B 244 -23.06 -2.71 5.73
N ASP B 245 -22.19 -2.43 4.76
CA ASP B 245 -21.88 -3.36 3.66
C ASP B 245 -21.29 -4.69 4.12
N GLU B 246 -20.89 -5.53 3.16
CA GLU B 246 -20.28 -6.82 3.52
C GLU B 246 -18.85 -6.62 4.03
N ALA B 247 -18.64 -6.93 5.31
CA ALA B 247 -17.30 -6.96 5.89
C ALA B 247 -17.05 -8.35 6.50
N HIS B 248 -16.25 -9.14 5.80
CA HIS B 248 -16.10 -10.59 6.07
C HIS B 248 -15.45 -10.94 7.40
N LEU B 249 -14.55 -10.09 7.90
CA LEU B 249 -13.82 -10.40 9.15
C LEU B 249 -14.51 -9.88 10.42
N VAL B 250 -15.68 -9.27 10.27
CA VAL B 250 -16.38 -8.72 11.42
C VAL B 250 -16.48 -9.80 12.51
N GLY B 251 -16.08 -9.43 13.72
CA GLY B 251 -16.03 -10.38 14.82
C GLY B 251 -14.76 -11.23 14.92
N LEU B 252 -13.88 -11.17 13.92
CA LEU B 252 -12.78 -12.16 13.83
C LEU B 252 -11.43 -11.68 14.28
N GLY B 253 -11.30 -10.40 14.56
CA GLY B 253 -10.01 -9.81 14.93
C GLY B 253 -9.93 -9.60 16.42
N ARG B 254 -9.76 -8.35 16.83
CA ARG B 254 -9.74 -8.00 18.25
C ARG B 254 -11.03 -8.45 18.93
N TYR B 255 -12.15 -8.48 18.20
CA TYR B 255 -13.40 -9.00 18.79
C TYR B 255 -13.22 -10.42 19.35
N LEU B 256 -12.68 -11.32 18.52
CA LEU B 256 -12.34 -12.70 18.94
C LEU B 256 -11.43 -12.73 20.19
N ILE B 257 -10.28 -12.09 20.14
CA ILE B 257 -9.41 -12.01 21.33
C ILE B 257 -10.20 -11.59 22.57
N LEU B 258 -10.99 -10.53 22.47
CA LEU B 258 -11.77 -10.05 23.62
C LEU B 258 -12.97 -10.92 24.07
N ASN B 259 -13.58 -11.70 23.17
CA ASN B 259 -14.90 -12.29 23.45
C ASN B 259 -15.18 -13.72 22.96
N GLY B 260 -14.20 -14.36 22.33
CA GLY B 260 -14.38 -15.73 21.86
C GLY B 260 -15.23 -15.85 20.61
N VAL B 261 -15.36 -17.07 20.12
CA VAL B 261 -16.17 -17.36 18.94
C VAL B 261 -17.61 -17.02 19.26
N VAL B 262 -18.30 -16.39 18.33
CA VAL B 262 -19.68 -15.94 18.53
C VAL B 262 -20.41 -15.87 17.18
N ASP B 263 -21.74 -15.86 17.22
CA ASP B 263 -22.53 -15.93 15.99
C ASP B 263 -22.45 -14.61 15.22
N ARG B 264 -21.80 -14.64 14.06
CA ARG B 264 -21.52 -13.43 13.29
C ARG B 264 -22.77 -12.73 12.72
N SER B 265 -23.81 -13.49 12.46
CA SER B 265 -25.09 -12.92 12.07
C SER B 265 -25.71 -12.18 13.27
N LEU B 266 -25.65 -12.82 14.44
CA LEU B 266 -26.18 -12.25 15.66
C LEU B 266 -25.30 -11.10 16.16
N LEU B 267 -24.03 -11.10 15.76
CA LEU B 267 -23.14 -10.01 16.12
C LEU B 267 -23.50 -8.77 15.31
N MET B 268 -23.80 -9.00 14.05
CA MET B 268 -24.17 -7.93 13.14
C MET B 268 -25.48 -7.27 13.56
N CYS B 269 -26.42 -8.06 14.05
CA CYS B 269 -27.75 -7.57 14.42
C CYS B 269 -27.71 -6.73 15.66
N GLN B 270 -27.21 -7.31 16.73
CA GLN B 270 -26.80 -6.60 17.92
C GLN B 270 -26.27 -5.19 17.57
N HIS B 271 -25.37 -5.11 16.59
CA HIS B 271 -24.76 -3.84 16.20
C HIS B 271 -25.78 -2.96 15.51
N LEU B 272 -26.48 -3.53 14.53
CA LEU B 272 -27.46 -2.78 13.76
C LEU B 272 -28.59 -2.25 14.65
N GLU B 273 -29.05 -3.08 15.59
CA GLU B 273 -30.01 -2.63 16.59
C GLU B 273 -29.55 -1.36 17.31
N ARG B 274 -28.27 -1.25 17.64
CA ARG B 274 -27.80 -0.10 18.39
C ARG B 274 -27.83 1.12 17.50
N VAL B 275 -27.30 0.93 16.29
CA VAL B 275 -27.08 2.04 15.39
C VAL B 275 -28.44 2.64 15.06
N LEU B 276 -29.44 1.79 14.93
CA LEU B 276 -30.77 2.24 14.54
C LEU B 276 -31.47 2.98 15.67
N ASP B 277 -31.26 2.52 16.89
CA ASP B 277 -31.73 3.23 18.07
C ASP B 277 -31.15 4.63 18.15
N ILE B 278 -29.85 4.73 17.88
CA ILE B 278 -29.13 6.00 17.88
C ILE B 278 -29.68 6.93 16.82
N ALA B 279 -30.05 6.37 15.67
CA ALA B 279 -30.55 7.20 14.58
C ALA B 279 -31.92 7.76 14.97
N ASP B 280 -32.78 6.86 15.42
CA ASP B 280 -34.11 7.21 15.88
C ASP B 280 -34.03 8.34 16.94
N LYS B 281 -32.99 8.33 17.79
CA LYS B 281 -32.78 9.44 18.73
C LYS B 281 -32.81 10.78 17.99
N TYR B 282 -32.13 10.86 16.87
CA TYR B 282 -32.14 12.07 16.03
C TYR B 282 -33.27 12.06 15.00
N GLY B 283 -34.12 11.04 15.06
CA GLY B 283 -35.19 10.89 14.09
C GLY B 283 -34.71 10.69 12.65
N PHE B 284 -33.67 9.92 12.46
CA PHE B 284 -33.26 9.58 11.11
C PHE B 284 -33.98 8.32 10.63
N HIS B 285 -34.29 8.29 9.34
CA HIS B 285 -34.90 7.11 8.72
C HIS B 285 -33.83 6.52 7.84
N CYS B 286 -33.37 5.33 8.19
CA CYS B 286 -32.14 4.80 7.63
C CYS B 286 -32.31 3.89 6.43
N GLN B 287 -31.32 3.90 5.55
CA GLN B 287 -31.11 2.88 4.52
C GLN B 287 -29.75 2.23 4.69
N MET B 288 -29.62 0.98 4.27
CA MET B 288 -28.36 0.26 4.32
C MET B 288 -28.24 -0.66 3.11
N TRP B 289 -27.00 -0.97 2.74
CA TRP B 289 -26.71 -1.87 1.63
C TRP B 289 -27.22 -3.24 1.96
N SER B 290 -27.74 -3.94 0.96
CA SER B 290 -28.34 -5.25 1.18
C SER B 290 -27.32 -6.37 1.51
N ASP B 291 -26.04 -6.16 1.19
CA ASP B 291 -24.99 -7.18 1.38
C ASP B 291 -25.12 -8.05 2.64
N MET B 292 -25.26 -7.48 3.84
CA MET B 292 -25.29 -8.30 5.09
C MET B 292 -26.39 -9.35 5.02
N PHE B 293 -27.63 -8.90 4.81
CA PHE B 293 -28.81 -9.75 4.83
C PHE B 293 -28.71 -10.88 3.81
N THR B 313 -31.61 -14.94 15.90
CA THR B 313 -30.87 -14.84 14.62
C THR B 313 -31.78 -14.34 13.50
N ARG B 314 -32.61 -15.23 12.94
CA ARG B 314 -33.63 -14.81 11.99
C ARG B 314 -34.66 -13.91 12.68
N VAL B 315 -35.00 -14.24 13.94
CA VAL B 315 -35.90 -13.42 14.74
C VAL B 315 -35.26 -12.07 15.05
N TYR B 316 -33.93 -12.09 15.20
CA TYR B 316 -33.16 -10.85 15.21
C TYR B 316 -33.31 -10.16 13.86
N LEU B 317 -33.11 -10.91 12.77
CA LEU B 317 -33.08 -10.38 11.42
C LEU B 317 -34.44 -9.89 10.91
N ASP B 318 -35.53 -10.61 11.23
CA ASP B 318 -36.87 -10.18 10.79
C ASP B 318 -37.33 -8.92 11.55
N ARG B 319 -36.83 -8.71 12.76
CA ARG B 319 -37.18 -7.54 13.56
C ARG B 319 -36.51 -6.27 13.05
N LEU B 320 -35.24 -6.35 12.68
CA LEU B 320 -34.51 -5.18 12.20
C LEU B 320 -34.86 -4.81 10.75
N LYS B 321 -35.39 -5.77 10.00
CA LYS B 321 -35.90 -5.51 8.64
C LYS B 321 -36.87 -4.31 8.64
N ASP B 322 -37.85 -4.34 9.51
CA ASP B 322 -38.91 -3.31 9.57
C ASP B 322 -38.36 -1.90 9.73
N ARG B 323 -37.17 -1.76 10.31
CA ARG B 323 -36.68 -0.44 10.71
C ARG B 323 -35.87 0.25 9.62
N VAL B 324 -35.61 -0.48 8.52
CA VAL B 324 -34.59 -0.10 7.53
C VAL B 324 -35.02 -0.45 6.10
N THR B 325 -34.45 0.24 5.12
CA THR B 325 -34.73 0.02 3.68
C THR B 325 -33.47 -0.47 3.00
N LEU B 326 -33.52 -1.67 2.44
CA LEU B 326 -32.32 -2.27 1.86
C LEU B 326 -32.09 -1.75 0.44
N VAL B 327 -30.83 -1.59 0.05
CA VAL B 327 -30.52 -1.21 -1.29
C VAL B 327 -29.77 -2.35 -1.93
N TYR B 328 -30.38 -2.93 -2.96
CA TYR B 328 -29.75 -3.89 -3.81
C TYR B 328 -28.93 -3.12 -4.84
N TRP B 329 -27.61 -3.26 -4.79
CA TRP B 329 -26.74 -2.62 -5.75
C TRP B 329 -26.17 -3.64 -6.73
N ASP B 330 -26.18 -3.27 -8.02
CA ASP B 330 -25.67 -4.12 -9.07
C ASP B 330 -25.25 -3.29 -10.27
N TYR B 331 -23.98 -3.37 -10.62
CA TYR B 331 -23.44 -2.60 -11.74
C TYR B 331 -22.97 -3.47 -12.90
N TYR B 332 -23.22 -4.79 -12.83
CA TYR B 332 -22.50 -5.75 -13.68
C TYR B 332 -23.43 -6.54 -14.60
N GLN B 333 -24.52 -7.09 -14.06
CA GLN B 333 -25.40 -7.99 -14.83
C GLN B 333 -25.92 -7.32 -16.09
N ASP B 334 -25.91 -8.06 -17.21
CA ASP B 334 -26.21 -7.51 -18.53
C ASP B 334 -27.60 -7.90 -19.08
N SER B 335 -28.42 -8.54 -18.24
CA SER B 335 -29.73 -9.04 -18.65
C SER B 335 -30.83 -8.55 -17.70
N GLU B 336 -32.06 -8.47 -18.20
CA GLU B 336 -33.26 -8.25 -17.38
C GLU B 336 -33.52 -9.47 -16.49
N GLU B 337 -33.48 -10.66 -17.09
CA GLU B 337 -33.66 -11.93 -16.37
C GLU B 337 -32.79 -12.06 -15.11
N LYS B 338 -31.49 -11.76 -15.21
CA LYS B 338 -30.61 -11.83 -14.03
C LYS B 338 -31.01 -10.84 -12.93
N TYR B 339 -31.44 -9.62 -13.30
CA TYR B 339 -31.95 -8.67 -12.31
C TYR B 339 -33.26 -9.15 -11.69
N ASN B 340 -34.23 -9.48 -12.53
CA ASN B 340 -35.52 -9.97 -12.04
C ASN B 340 -35.38 -11.15 -11.07
N ARG B 341 -34.35 -11.98 -11.27
CA ARG B 341 -34.04 -13.08 -10.36
C ARG B 341 -33.62 -12.52 -9.01
N ASN B 342 -32.67 -11.58 -9.03
CA ASN B 342 -32.09 -10.97 -7.83
C ASN B 342 -33.09 -10.15 -7.02
N PHE B 343 -33.92 -9.39 -7.72
CA PHE B 343 -35.04 -8.69 -7.09
C PHE B 343 -35.91 -9.67 -6.32
N ARG B 344 -36.31 -10.74 -7.01
CA ARG B 344 -37.09 -11.83 -6.41
C ARG B 344 -36.46 -12.35 -5.11
N ASN B 345 -35.14 -12.50 -5.09
CA ASN B 345 -34.42 -12.95 -3.91
C ASN B 345 -34.43 -11.94 -2.78
N HIS B 346 -34.30 -10.66 -3.11
CA HIS B 346 -34.35 -9.60 -2.10
C HIS B 346 -35.79 -9.41 -1.59
N HIS B 347 -36.78 -9.68 -2.44
CA HIS B 347 -38.18 -9.60 -2.04
C HIS B 347 -38.53 -10.71 -1.05
N LYS B 348 -37.75 -11.78 -1.04
CA LYS B 348 -37.91 -12.85 -0.06
C LYS B 348 -37.47 -12.42 1.33
N ILE B 349 -36.47 -11.55 1.39
CA ILE B 349 -35.99 -10.98 2.66
C ILE B 349 -36.80 -9.73 3.01
N SER B 350 -37.07 -8.86 2.02
CA SER B 350 -37.83 -7.61 2.24
C SER B 350 -38.34 -6.97 0.92
N HIS B 351 -39.43 -6.21 0.99
CA HIS B 351 -39.92 -5.44 -0.17
C HIS B 351 -39.61 -3.92 -0.04
N ASP B 352 -39.11 -3.55 1.14
CA ASP B 352 -38.66 -2.20 1.43
C ASP B 352 -37.22 -2.09 0.92
N LEU B 353 -37.10 -1.64 -0.31
CA LEU B 353 -35.98 -2.00 -1.12
C LEU B 353 -35.82 -0.97 -2.22
N ALA B 354 -34.64 -0.36 -2.31
CA ALA B 354 -34.32 0.55 -3.39
C ALA B 354 -33.26 -0.15 -4.25
N PHE B 355 -33.05 0.31 -5.48
CA PHE B 355 -32.02 -0.26 -6.34
C PHE B 355 -30.89 0.73 -6.54
N ALA B 356 -29.67 0.22 -6.56
CA ALA B 356 -28.52 1.06 -6.84
C ALA B 356 -27.83 0.62 -8.14
N GLY B 357 -28.18 1.29 -9.22
CA GLY B 357 -27.48 1.14 -10.49
C GLY B 357 -26.16 1.88 -10.41
N GLY B 358 -25.41 1.87 -11.50
CA GLY B 358 -24.08 2.45 -11.48
C GLY B 358 -23.72 3.26 -12.70
N ALA B 359 -22.97 4.33 -12.47
CA ALA B 359 -22.34 5.12 -13.50
C ALA B 359 -20.84 4.91 -13.32
N TRP B 360 -20.24 4.22 -14.27
CA TRP B 360 -18.88 3.70 -14.06
C TRP B 360 -17.79 4.75 -14.16
N LYS B 361 -17.32 5.18 -13.00
CA LYS B 361 -16.18 6.07 -12.91
C LYS B 361 -15.29 5.61 -11.76
N TRP B 362 -15.04 4.30 -11.69
CA TRP B 362 -14.21 3.76 -10.64
C TRP B 362 -13.14 2.81 -11.15
N ILE B 363 -12.65 3.09 -12.35
CA ILE B 363 -11.63 2.26 -12.96
C ILE B 363 -10.47 3.06 -13.53
N GLY B 364 -10.00 4.05 -12.77
CA GLY B 364 -8.78 4.75 -13.09
C GLY B 364 -9.01 6.16 -13.53
N PHE B 365 -8.61 6.47 -14.77
CA PHE B 365 -8.70 7.81 -15.30
C PHE B 365 -9.92 8.00 -16.19
N THR B 366 -10.47 6.91 -16.69
CA THR B 366 -11.46 7.01 -17.76
C THR B 366 -12.75 6.30 -17.36
N PRO B 367 -13.91 6.97 -17.49
CA PRO B 367 -15.13 6.30 -17.10
C PRO B 367 -15.57 5.31 -18.17
N HIS B 368 -16.72 4.69 -17.95
CA HIS B 368 -17.32 3.82 -18.94
C HIS B 368 -18.82 4.13 -19.11
N ASN B 369 -19.11 5.27 -19.71
CA ASN B 369 -20.51 5.59 -20.02
C ASN B 369 -21.18 4.54 -20.90
N HIS B 370 -20.42 3.94 -21.82
CA HIS B 370 -20.96 2.92 -22.76
C HIS B 370 -21.49 1.68 -22.06
N PHE B 371 -20.74 1.16 -21.09
CA PHE B 371 -21.20 0.03 -20.31
C PHE B 371 -22.36 0.43 -19.40
N SER B 372 -22.23 1.56 -18.73
CA SER B 372 -23.30 2.09 -17.91
C SER B 372 -24.62 2.08 -18.68
N ARG B 373 -24.59 2.58 -19.91
CA ARG B 373 -25.78 2.65 -20.76
C ARG B 373 -26.42 1.25 -20.88
N LEU B 374 -25.58 0.29 -21.17
CA LEU B 374 -26.02 -1.07 -21.36
C LEU B 374 -26.76 -1.63 -20.13
N VAL B 375 -26.30 -1.30 -18.93
CA VAL B 375 -26.88 -1.92 -17.73
C VAL B 375 -28.06 -1.13 -17.22
N ALA B 376 -28.11 0.17 -17.51
CA ALA B 376 -29.24 0.98 -17.10
C ALA B 376 -30.50 0.53 -17.83
N ILE B 377 -30.38 0.37 -19.15
CA ILE B 377 -31.49 -0.05 -19.99
C ILE B 377 -32.09 -1.33 -19.45
N GLU B 378 -31.23 -2.25 -19.01
CA GLU B 378 -31.69 -3.56 -18.56
C GLU B 378 -32.23 -3.54 -17.12
N ALA B 379 -31.66 -2.67 -16.30
CA ALA B 379 -32.03 -2.54 -14.90
C ALA B 379 -33.37 -1.81 -14.74
N ASN B 380 -33.49 -0.68 -15.43
CA ASN B 380 -34.75 0.02 -15.47
C ASN B 380 -35.93 -0.92 -15.74
N LYS B 381 -35.81 -1.75 -16.79
CA LYS B 381 -36.86 -2.70 -17.14
C LYS B 381 -37.22 -3.62 -15.98
N ALA B 382 -36.19 -4.09 -15.28
CA ALA B 382 -36.38 -4.95 -14.11
C ALA B 382 -36.85 -4.16 -12.89
N CYS B 383 -36.37 -2.92 -12.75
CA CYS B 383 -36.86 -2.08 -11.67
C CYS B 383 -38.35 -1.86 -11.88
N ARG B 384 -38.72 -1.39 -13.05
CA ARG B 384 -40.13 -1.25 -13.42
C ARG B 384 -40.95 -2.50 -13.15
N ALA B 385 -40.55 -3.62 -13.74
CA ALA B 385 -41.28 -4.88 -13.57
C ALA B 385 -41.44 -5.27 -12.10
N ASN B 386 -40.52 -4.87 -11.21
CA ASN B 386 -40.61 -5.24 -9.80
C ASN B 386 -41.07 -4.14 -8.84
N GLN B 387 -41.75 -3.12 -9.38
CA GLN B 387 -42.34 -2.02 -8.59
C GLN B 387 -41.33 -1.32 -7.69
N ILE B 388 -40.13 -1.13 -8.22
CA ILE B 388 -39.10 -0.45 -7.47
C ILE B 388 -39.40 1.04 -7.48
N LYS B 389 -39.62 1.59 -6.29
CA LYS B 389 -39.98 2.99 -6.14
C LYS B 389 -38.78 3.95 -6.06
N GLU B 390 -37.57 3.41 -5.83
CA GLU B 390 -36.36 4.25 -5.69
C GLU B 390 -35.09 3.69 -6.36
N VAL B 391 -34.37 4.57 -7.06
CA VAL B 391 -33.18 4.21 -7.82
C VAL B 391 -32.03 5.18 -7.54
N ILE B 392 -30.89 4.63 -7.13
CA ILE B 392 -29.73 5.42 -6.81
C ILE B 392 -28.62 5.10 -7.82
N VAL B 393 -28.19 6.12 -8.58
CA VAL B 393 -27.03 6.00 -9.46
C VAL B 393 -25.78 6.30 -8.64
N THR B 394 -24.92 5.29 -8.49
CA THR B 394 -23.70 5.43 -7.72
C THR B 394 -22.47 5.71 -8.61
N GLY B 395 -21.66 6.68 -8.20
CA GLY B 395 -20.43 7.07 -8.89
C GLY B 395 -19.23 6.89 -7.97
N TRP B 396 -18.94 5.62 -7.70
CA TRP B 396 -17.79 5.27 -6.84
C TRP B 396 -16.48 5.69 -7.49
N GLY B 397 -15.41 5.67 -6.71
CA GLY B 397 -14.13 6.17 -7.18
C GLY B 397 -13.00 5.34 -6.65
N ASP B 398 -13.19 4.04 -6.74
CA ASP B 398 -12.23 3.05 -6.25
C ASP B 398 -10.78 3.35 -6.55
N ASN B 399 -9.94 3.26 -5.51
CA ASN B 399 -8.47 3.30 -5.59
C ASN B 399 -7.93 4.64 -5.96
N GLY B 400 -8.50 5.70 -5.42
CA GLY B 400 -7.86 7.01 -5.55
C GLY B 400 -8.70 8.06 -6.23
N GLY B 401 -9.84 7.68 -6.79
CA GLY B 401 -10.75 8.65 -7.38
C GLY B 401 -10.16 9.44 -8.54
N GLU B 402 -9.41 8.77 -9.42
CA GLU B 402 -8.76 9.44 -10.57
C GLU B 402 -9.69 9.79 -11.74
N THR B 403 -10.88 9.23 -11.81
CA THR B 403 -11.83 9.62 -12.84
C THR B 403 -12.58 10.91 -12.49
N ALA B 404 -12.74 11.79 -13.46
CA ALA B 404 -13.36 13.06 -13.24
C ALA B 404 -14.82 12.92 -12.82
N GLN B 405 -15.22 13.74 -11.85
CA GLN B 405 -16.58 13.70 -11.31
C GLN B 405 -17.63 13.93 -12.39
N PHE B 406 -17.36 14.85 -13.31
CA PHE B 406 -18.35 15.19 -14.33
C PHE B 406 -18.30 14.30 -15.55
N SER B 407 -17.38 13.35 -15.59
CA SER B 407 -17.20 12.49 -16.75
C SER B 407 -18.41 11.60 -17.05
N ILE B 408 -19.36 11.52 -16.11
CA ILE B 408 -20.45 10.55 -16.20
C ILE B 408 -21.84 11.15 -16.43
N LEU B 409 -21.88 12.37 -16.94
CA LEU B 409 -23.14 13.02 -17.25
C LEU B 409 -24.06 12.23 -18.18
N PRO B 410 -23.49 11.56 -19.21
CA PRO B 410 -24.32 10.69 -20.08
C PRO B 410 -25.10 9.67 -19.29
N SER B 411 -24.36 8.92 -18.47
CA SER B 411 -24.95 7.86 -17.71
C SER B 411 -26.08 8.44 -16.87
N LEU B 412 -25.86 9.62 -16.29
CA LEU B 412 -26.85 10.25 -15.44
C LEU B 412 -28.06 10.58 -16.28
N GLN B 413 -27.84 11.25 -17.40
CA GLN B 413 -28.94 11.62 -18.28
C GLN B 413 -29.69 10.36 -18.75
N ILE B 414 -28.95 9.27 -19.03
CA ILE B 414 -29.60 8.04 -19.46
C ILE B 414 -30.63 7.58 -18.42
N TRP B 415 -30.24 7.56 -17.15
CA TRP B 415 -31.15 7.11 -16.10
C TRP B 415 -32.33 8.05 -15.96
N ALA B 416 -32.10 9.35 -16.17
CA ALA B 416 -33.17 10.31 -16.07
C ALA B 416 -34.21 10.06 -17.14
N GLU B 417 -33.74 9.81 -18.36
CA GLU B 417 -34.62 9.63 -19.52
C GLU B 417 -35.36 8.31 -19.41
N LEU B 418 -34.67 7.28 -18.93
CA LEU B 418 -35.30 5.98 -18.70
C LEU B 418 -36.49 6.09 -17.74
N SER B 419 -36.32 6.91 -16.70
CA SER B 419 -37.33 7.03 -15.65
C SER B 419 -38.57 7.77 -16.11
N TYR B 420 -38.38 8.88 -16.81
CA TYR B 420 -39.52 9.74 -17.16
C TYR B 420 -40.20 9.28 -18.44
N ARG B 421 -39.41 8.88 -19.41
CA ARG B 421 -39.91 8.56 -20.75
C ARG B 421 -40.00 7.05 -20.98
N ASN B 422 -39.19 6.29 -20.26
CA ASN B 422 -39.04 4.85 -20.52
C ASN B 422 -38.37 4.58 -21.88
N ASP B 423 -37.65 5.56 -22.40
CA ASP B 423 -36.84 5.37 -23.60
C ASP B 423 -35.89 6.54 -23.81
N LEU B 424 -35.01 6.38 -24.78
CA LEU B 424 -33.93 7.33 -25.02
C LEU B 424 -34.15 8.17 -26.28
N ASP B 425 -35.38 8.61 -26.50
CA ASP B 425 -35.75 9.43 -27.67
C ASP B 425 -35.21 10.85 -27.56
N GLY B 426 -35.41 11.46 -26.39
CA GLY B 426 -34.94 12.83 -26.14
C GLY B 426 -33.55 12.94 -25.51
N LEU B 427 -32.85 11.81 -25.38
CA LEU B 427 -31.57 11.78 -24.65
C LEU B 427 -30.60 12.87 -25.09
N SER B 428 -30.20 12.83 -26.36
CA SER B 428 -29.17 13.71 -26.90
C SER B 428 -29.63 15.17 -26.97
N ALA B 429 -30.85 15.37 -27.49
CA ALA B 429 -31.46 16.68 -27.53
C ALA B 429 -31.46 17.31 -26.13
N HIS B 430 -32.09 16.65 -25.16
CA HIS B 430 -32.09 17.16 -23.79
C HIS B 430 -30.66 17.29 -23.26
N PHE B 431 -29.79 16.35 -23.64
CA PHE B 431 -28.41 16.38 -23.16
C PHE B 431 -27.65 17.59 -23.69
N LYS B 432 -27.86 17.91 -24.96
CA LYS B 432 -27.18 19.06 -25.59
C LYS B 432 -27.73 20.34 -25.02
N THR B 433 -29.01 20.35 -24.68
CA THR B 433 -29.57 21.48 -23.99
C THR B 433 -28.85 21.68 -22.66
N ASN B 434 -28.78 20.59 -21.89
CA ASN B 434 -28.16 20.60 -20.56
C ASN B 434 -26.66 20.88 -20.50
N THR B 435 -25.88 20.35 -21.46
CA THR B 435 -24.41 20.45 -21.40
C THR B 435 -23.74 21.23 -22.53
N GLY B 436 -24.45 21.46 -23.63
CA GLY B 436 -23.89 22.10 -24.82
C GLY B 436 -23.10 21.17 -25.74
N LEU B 437 -23.22 19.86 -25.52
CA LEU B 437 -22.54 18.84 -26.30
C LEU B 437 -23.52 17.73 -26.65
N THR B 438 -23.36 17.08 -27.79
CA THR B 438 -24.20 15.91 -28.11
C THR B 438 -23.73 14.75 -27.24
N VAL B 439 -24.66 13.89 -26.84
CA VAL B 439 -24.34 12.75 -25.97
C VAL B 439 -23.37 11.74 -26.62
N GLU B 440 -23.39 11.62 -27.94
CA GLU B 440 -22.43 10.77 -28.66
C GLU B 440 -21.03 11.39 -28.59
N ASP B 441 -20.96 12.70 -28.74
CA ASP B 441 -19.69 13.40 -28.52
C ASP B 441 -19.21 13.13 -27.09
N PHE B 442 -20.07 13.38 -26.10
CA PHE B 442 -19.62 13.35 -24.71
C PHE B 442 -19.11 11.95 -24.30
N MET B 443 -19.78 10.92 -24.81
CA MET B 443 -19.44 9.54 -24.44
C MET B 443 -18.16 9.01 -25.06
N GLN B 444 -17.63 9.71 -26.07
CA GLN B 444 -16.30 9.40 -26.59
C GLN B 444 -15.23 9.69 -25.53
N ILE B 445 -15.59 10.33 -24.43
CA ILE B 445 -14.70 10.41 -23.26
C ILE B 445 -14.22 9.02 -22.80
N ASP B 446 -15.05 8.00 -23.03
CA ASP B 446 -14.74 6.62 -22.69
C ASP B 446 -13.56 6.02 -23.47
N LEU B 447 -13.22 6.64 -24.60
CA LEU B 447 -12.40 5.96 -25.62
C LEU B 447 -11.20 5.14 -25.12
N ALA B 448 -10.51 5.64 -24.08
CA ALA B 448 -9.31 4.98 -23.55
C ALA B 448 -9.65 3.66 -22.89
N ASN B 449 -10.94 3.41 -22.72
CA ASN B 449 -11.41 2.10 -22.30
C ASN B 449 -11.97 1.23 -23.44
N LEU B 450 -12.14 1.80 -24.63
CA LEU B 450 -12.92 1.16 -25.69
C LEU B 450 -12.05 0.46 -26.75
N LEU B 451 -11.21 -0.46 -26.31
CA LEU B 451 -10.42 -1.29 -27.23
C LEU B 451 -11.35 -2.15 -28.13
N PRO B 452 -10.97 -2.38 -29.40
CA PRO B 452 -11.91 -3.05 -30.31
C PRO B 452 -12.07 -4.56 -30.05
N ASP B 453 -11.03 -5.20 -29.53
CA ASP B 453 -11.13 -6.58 -29.07
C ASP B 453 -12.40 -6.83 -28.22
N LEU B 454 -12.78 -5.82 -27.45
CA LEU B 454 -13.85 -5.94 -26.46
C LEU B 454 -15.22 -6.03 -27.12
N ASN B 457 -20.01 -3.52 -23.28
CA ASN B 457 -20.31 -4.94 -23.48
C ASN B 457 -20.15 -5.75 -22.20
N LEU B 458 -18.94 -5.77 -21.63
CA LEU B 458 -18.66 -6.44 -20.35
C LEU B 458 -17.85 -5.52 -19.42
N SER B 459 -17.95 -5.76 -18.10
CA SER B 459 -17.57 -4.74 -17.10
C SER B 459 -16.07 -4.59 -16.81
N GLY B 460 -15.60 -3.35 -16.88
CA GLY B 460 -14.37 -2.96 -16.22
C GLY B 460 -13.05 -3.46 -16.78
N ILE B 461 -12.98 -3.70 -18.09
CA ILE B 461 -11.68 -3.81 -18.74
C ILE B 461 -11.17 -2.38 -18.72
N ASN B 462 -10.05 -2.13 -18.02
CA ASN B 462 -9.57 -0.76 -17.81
C ASN B 462 -8.13 -0.48 -18.28
N PRO B 463 -7.83 -0.76 -19.56
CA PRO B 463 -6.51 -0.39 -20.06
C PRO B 463 -6.16 1.09 -19.85
N ASN B 464 -7.15 1.98 -19.82
CA ASN B 464 -6.84 3.37 -19.51
C ASN B 464 -5.83 3.45 -18.35
N ARG B 465 -6.05 2.67 -17.31
CA ARG B 465 -5.25 2.75 -16.10
C ARG B 465 -4.06 1.81 -16.09
N TYR B 466 -4.25 0.54 -16.48
CA TYR B 466 -3.12 -0.40 -16.34
C TYR B 466 -2.02 -0.22 -17.37
N VAL B 467 -2.36 0.39 -18.52
CA VAL B 467 -1.35 0.68 -19.52
C VAL B 467 -0.56 1.93 -19.12
N PHE B 468 -1.19 2.83 -18.36
CA PHE B 468 -0.54 4.08 -17.95
C PHE B 468 0.45 3.90 -16.79
N TYR B 469 0.09 3.15 -15.77
CA TYR B 469 0.97 3.00 -14.60
C TYR B 469 1.93 1.81 -14.72
N GLN B 470 1.87 1.06 -15.82
CA GLN B 470 2.71 -0.13 -15.96
C GLN B 470 4.17 0.27 -15.97
N ASP B 471 5.04 -0.61 -15.51
CA ASP B 471 6.46 -0.33 -15.59
C ASP B 471 6.92 -0.39 -17.06
N ILE B 472 8.11 0.16 -17.31
CA ILE B 472 8.75 0.16 -18.62
C ILE B 472 9.74 -1.00 -18.72
N LEU B 473 10.64 -1.10 -17.74
CA LEU B 473 11.64 -2.18 -17.71
C LEU B 473 11.01 -3.52 -17.35
N CYS B 474 9.93 -3.48 -16.57
CA CYS B 474 9.24 -4.66 -16.10
C CYS B 474 7.74 -4.53 -16.35
N PRO B 475 7.31 -4.68 -17.63
CA PRO B 475 5.92 -4.44 -17.99
C PRO B 475 5.08 -5.69 -17.81
N ILE B 476 4.48 -5.82 -16.63
CA ILE B 476 3.80 -7.06 -16.27
C ILE B 476 2.39 -7.19 -16.84
N LEU B 477 1.89 -6.15 -17.52
CA LEU B 477 0.64 -6.26 -18.26
C LEU B 477 0.83 -6.52 -19.79
N ASP B 478 2.06 -6.75 -20.23
CA ASP B 478 2.39 -6.81 -21.66
C ASP B 478 1.59 -7.88 -22.44
N GLN B 479 1.39 -9.06 -21.85
CA GLN B 479 0.61 -10.10 -22.51
C GLN B 479 -0.87 -9.72 -22.72
N HIS B 480 -1.29 -8.58 -22.16
CA HIS B 480 -2.64 -8.06 -22.35
C HIS B 480 -2.72 -6.83 -23.26
N MET B 481 -1.70 -6.63 -24.08
CA MET B 481 -1.73 -5.60 -25.12
C MET B 481 -1.72 -6.26 -26.49
N THR B 482 -2.50 -5.70 -27.42
CA THR B 482 -2.37 -6.02 -28.83
C THR B 482 -2.02 -4.73 -29.55
N PRO B 483 -0.71 -4.41 -29.64
CA PRO B 483 -0.35 -3.12 -30.24
C PRO B 483 -0.83 -3.01 -31.68
N GLU B 484 -0.91 -4.14 -32.38
CA GLU B 484 -1.51 -4.19 -33.71
C GLU B 484 -2.92 -3.53 -33.70
N GLN B 485 -3.65 -3.72 -32.60
CA GLN B 485 -4.97 -3.12 -32.42
C GLN B 485 -4.98 -1.84 -31.54
N ASP B 486 -4.16 -1.81 -30.48
CA ASP B 486 -4.27 -0.82 -29.41
C ASP B 486 -3.60 0.52 -29.75
N LYS B 487 -2.38 0.45 -30.26
CA LYS B 487 -1.62 1.66 -30.66
C LYS B 487 -2.45 2.62 -31.53
N PRO B 488 -2.94 2.15 -32.70
CA PRO B 488 -3.70 3.02 -33.60
C PRO B 488 -5.05 3.45 -33.05
N HIS B 489 -5.68 2.59 -32.26
CA HIS B 489 -6.90 2.99 -31.56
C HIS B 489 -6.62 4.20 -30.62
N PHE B 490 -5.56 4.10 -29.81
CA PHE B 490 -5.24 5.16 -28.84
C PHE B 490 -4.87 6.46 -29.54
N ALA B 491 -4.18 6.35 -30.66
CA ALA B 491 -3.76 7.54 -31.39
C ALA B 491 -4.97 8.26 -31.98
N GLN B 492 -5.96 7.50 -32.44
CA GLN B 492 -7.13 8.06 -33.12
C GLN B 492 -7.99 8.79 -32.08
N ALA B 493 -8.13 8.16 -30.92
CA ALA B 493 -8.84 8.71 -29.78
C ALA B 493 -8.30 10.09 -29.43
N ALA B 494 -6.99 10.18 -29.25
CA ALA B 494 -6.32 11.45 -28.97
C ALA B 494 -6.83 12.53 -29.92
N GLU B 495 -6.84 12.19 -31.21
CA GLU B 495 -7.27 13.08 -32.29
C GLU B 495 -8.75 13.43 -32.13
N THR B 496 -9.57 12.40 -31.94
CA THR B 496 -11.01 12.59 -31.77
C THR B 496 -11.25 13.51 -30.60
N LEU B 497 -10.63 13.17 -29.46
CA LEU B 497 -10.87 13.87 -28.19
C LEU B 497 -10.43 15.31 -28.30
N ALA B 498 -9.33 15.51 -29.05
CA ALA B 498 -8.86 16.83 -29.37
C ALA B 498 -9.95 17.62 -30.07
N ASN B 499 -10.61 17.02 -31.06
CA ASN B 499 -11.69 17.70 -31.78
C ASN B 499 -12.81 18.06 -30.81
N ILE B 500 -13.17 17.10 -29.97
CA ILE B 500 -14.33 17.24 -29.10
C ILE B 500 -14.04 18.23 -27.97
N LYS B 501 -12.79 18.30 -27.52
CA LYS B 501 -12.36 19.36 -26.59
C LYS B 501 -12.93 20.72 -27.00
N GLU B 502 -13.16 20.88 -28.30
CA GLU B 502 -13.50 22.17 -28.91
C GLU B 502 -15.01 22.38 -29.05
N LYS B 503 -15.79 21.31 -28.95
CA LYS B 503 -17.24 21.42 -28.84
C LYS B 503 -17.67 21.43 -27.37
N ALA B 504 -16.71 21.37 -26.45
CA ALA B 504 -16.98 20.92 -25.08
C ALA B 504 -17.35 22.00 -24.06
N GLY B 505 -17.06 23.26 -24.37
CA GLY B 505 -17.44 24.38 -23.50
C GLY B 505 -16.70 24.39 -22.18
N ASN B 506 -17.44 24.54 -21.10
CA ASN B 506 -16.83 24.53 -19.77
C ASN B 506 -16.49 23.12 -19.25
N TYR B 507 -16.81 22.10 -20.06
CA TYR B 507 -16.39 20.71 -19.79
C TYR B 507 -15.13 20.30 -20.59
N ALA B 508 -14.61 21.19 -21.41
CA ALA B 508 -13.45 20.87 -22.23
C ALA B 508 -12.29 20.25 -21.44
N TYR B 509 -12.04 20.76 -20.23
CA TYR B 509 -10.95 20.23 -19.37
C TYR B 509 -10.96 18.71 -19.20
N LEU B 510 -12.16 18.12 -19.22
CA LEU B 510 -12.29 16.68 -19.18
C LEU B 510 -11.66 16.03 -20.40
N PHE B 511 -11.95 16.57 -21.57
CA PHE B 511 -11.57 15.95 -22.83
C PHE B 511 -10.11 16.25 -23.12
N GLU B 512 -9.67 17.42 -22.69
CA GLU B 512 -8.27 17.75 -22.87
C GLU B 512 -7.43 16.69 -22.15
N THR B 513 -7.85 16.30 -20.95
CA THR B 513 -7.10 15.31 -20.18
C THR B 513 -7.11 13.94 -20.87
N GLN B 514 -8.27 13.52 -21.37
CA GLN B 514 -8.38 12.20 -21.98
C GLN B 514 -7.56 12.12 -23.27
N ALA B 515 -7.56 13.23 -24.02
CA ALA B 515 -6.77 13.38 -25.24
C ALA B 515 -5.32 13.11 -24.97
N GLN B 516 -4.79 13.83 -23.99
CA GLN B 516 -3.38 13.72 -23.59
C GLN B 516 -3.09 12.29 -23.15
N LEU B 517 -4.08 11.66 -22.52
CA LEU B 517 -3.90 10.32 -21.95
C LEU B 517 -3.72 9.31 -23.06
N ASN B 518 -4.73 9.25 -23.92
CA ASN B 518 -4.73 8.41 -25.09
C ASN B 518 -3.44 8.54 -25.89
N ALA B 519 -2.93 9.77 -25.94
CA ALA B 519 -1.68 10.03 -26.63
C ALA B 519 -0.59 9.24 -25.97
N ILE B 520 -0.44 9.39 -24.66
CA ILE B 520 0.57 8.66 -23.91
C ILE B 520 0.47 7.14 -24.17
N LEU B 521 -0.76 6.62 -24.17
CA LEU B 521 -0.99 5.18 -24.28
C LEU B 521 -0.66 4.60 -25.65
N SER B 522 -0.81 5.38 -26.72
CA SER B 522 -0.56 4.86 -28.08
C SER B 522 0.90 4.49 -28.25
N SER B 523 1.80 5.28 -27.64
CA SER B 523 3.22 4.93 -27.63
C SER B 523 3.53 3.92 -26.53
N LYS B 524 2.99 4.19 -25.33
CA LYS B 524 3.40 3.48 -24.11
C LYS B 524 2.89 2.05 -24.03
N VAL B 525 1.81 1.77 -24.75
CA VAL B 525 1.24 0.42 -24.80
C VAL B 525 2.26 -0.66 -25.19
N ASP B 526 3.23 -0.34 -26.04
CA ASP B 526 4.23 -1.34 -26.47
C ASP B 526 5.71 -0.93 -26.36
N VAL B 527 5.98 0.31 -25.98
CA VAL B 527 7.36 0.76 -25.73
C VAL B 527 8.23 -0.32 -25.05
N GLY B 528 7.77 -0.88 -23.94
CA GLY B 528 8.54 -1.88 -23.20
C GLY B 528 8.78 -3.14 -24.02
N ARG B 529 7.78 -3.55 -24.80
CA ARG B 529 7.88 -4.72 -25.66
C ARG B 529 8.93 -4.43 -26.73
N ARG B 530 8.88 -3.22 -27.26
CA ARG B 530 9.86 -2.78 -28.24
C ARG B 530 11.28 -2.73 -27.65
N ILE B 531 11.43 -2.25 -26.42
CA ILE B 531 12.72 -2.32 -25.73
C ILE B 531 13.22 -3.77 -25.62
N ARG B 532 12.31 -4.72 -25.44
CA ARG B 532 12.70 -6.14 -25.30
C ARG B 532 13.11 -6.75 -26.63
N GLN B 533 12.39 -6.38 -27.68
CA GLN B 533 12.65 -6.89 -29.03
C GLN B 533 13.97 -6.31 -29.57
N ALA B 534 14.23 -5.05 -29.24
CA ALA B 534 15.47 -4.37 -29.61
C ALA B 534 16.65 -5.01 -28.88
N TYR B 535 16.53 -5.07 -27.55
CA TYR B 535 17.54 -5.70 -26.71
C TYR B 535 17.87 -7.12 -27.16
N GLN B 536 16.83 -7.93 -27.34
CA GLN B 536 17.02 -9.34 -27.71
C GLN B 536 17.67 -9.51 -29.09
N ALA B 537 17.70 -8.44 -29.88
CA ALA B 537 18.38 -8.44 -31.18
C ALA B 537 19.64 -7.55 -31.18
N ASP B 538 20.07 -7.12 -30.00
CA ASP B 538 21.23 -6.23 -29.88
C ASP B 538 21.22 -5.06 -30.86
N ASP B 539 20.04 -4.53 -31.17
CA ASP B 539 19.92 -3.31 -31.97
C ASP B 539 20.19 -2.10 -31.09
N LYS B 540 21.46 -1.86 -30.77
CA LYS B 540 21.83 -0.73 -29.91
C LYS B 540 21.37 0.58 -30.53
N GLU B 541 21.36 0.67 -31.85
CA GLU B 541 20.88 1.88 -32.53
C GLU B 541 19.46 2.23 -32.07
N SER B 542 18.54 1.26 -32.20
CA SER B 542 17.15 1.41 -31.80
C SER B 542 17.04 1.66 -30.30
N LEU B 543 17.73 0.84 -29.51
CA LEU B 543 17.79 0.98 -28.05
C LEU B 543 18.19 2.39 -27.64
N GLN B 544 19.19 2.95 -28.35
CA GLN B 544 19.64 4.32 -28.12
C GLN B 544 18.53 5.32 -28.44
N GLN B 545 17.89 5.13 -29.60
CA GLN B 545 16.79 5.99 -30.03
C GLN B 545 15.72 6.07 -28.93
N ILE B 546 15.31 4.91 -28.43
CA ILE B 546 14.28 4.84 -27.40
C ILE B 546 14.75 5.57 -26.14
N ALA B 547 15.93 5.19 -25.64
CA ALA B 547 16.47 5.78 -24.41
C ALA B 547 16.71 7.28 -24.53
N ARG B 548 17.41 7.66 -25.59
CA ARG B 548 17.89 9.03 -25.72
C ARG B 548 16.75 9.97 -26.16
N GLN B 549 15.83 9.48 -26.99
CA GLN B 549 14.74 10.34 -27.52
C GLN B 549 13.30 9.98 -27.11
N GLU B 550 12.96 8.68 -27.03
CA GLU B 550 11.55 8.30 -26.85
C GLU B 550 11.04 8.42 -25.41
N LEU B 551 11.80 7.90 -24.45
CA LEU B 551 11.35 7.91 -23.06
C LEU B 551 11.33 9.31 -22.41
N PRO B 552 12.25 10.21 -22.82
CA PRO B 552 12.14 11.56 -22.30
C PRO B 552 10.91 12.30 -22.83
N GLU B 553 10.54 12.01 -24.07
CA GLU B 553 9.29 12.55 -24.62
C GLU B 553 8.13 12.05 -23.76
N LEU B 554 8.10 10.74 -23.51
CA LEU B 554 7.06 10.13 -22.67
C LEU B 554 6.99 10.82 -21.30
N ARG B 555 8.14 11.18 -20.74
CA ARG B 555 8.14 11.88 -19.45
C ARG B 555 7.48 13.25 -19.54
N SER B 556 7.84 13.99 -20.59
CA SER B 556 7.19 15.26 -20.90
C SER B 556 5.67 15.10 -21.08
N GLN B 557 5.30 14.12 -21.91
CA GLN B 557 3.89 13.84 -22.17
C GLN B 557 3.16 13.54 -20.87
N ILE B 558 3.72 12.64 -20.07
CA ILE B 558 3.19 12.31 -18.76
C ILE B 558 3.16 13.54 -17.84
N GLU B 559 4.27 14.25 -17.73
CA GLU B 559 4.29 15.53 -17.02
C GLU B 559 3.12 16.41 -17.51
N ASP B 560 3.01 16.54 -18.82
CA ASP B 560 1.90 17.27 -19.41
C ASP B 560 0.56 16.74 -18.87
N PHE B 561 0.41 15.42 -18.86
CA PHE B 561 -0.80 14.80 -18.34
C PHE B 561 -1.07 15.19 -16.90
N HIS B 562 -0.02 15.21 -16.11
CA HIS B 562 -0.14 15.54 -14.70
C HIS B 562 -0.70 16.94 -14.50
N ALA B 563 -0.16 17.90 -15.23
CA ALA B 563 -0.68 19.28 -15.16
C ALA B 563 -2.19 19.36 -15.46
N LEU B 564 -2.62 18.72 -16.55
CA LEU B 564 -4.00 18.75 -16.97
C LEU B 564 -4.88 18.04 -15.96
N PHE B 565 -4.35 16.95 -15.43
CA PHE B 565 -5.06 16.18 -14.42
C PHE B 565 -5.17 16.98 -13.13
N SER B 566 -4.07 17.61 -12.72
CA SER B 566 -4.07 18.44 -11.54
C SER B 566 -5.12 19.50 -11.71
N HIS B 567 -5.24 20.02 -12.95
CA HIS B 567 -6.18 21.09 -13.25
C HIS B 567 -7.59 20.59 -13.05
N GLN B 568 -7.88 19.49 -13.74
CA GLN B 568 -9.17 18.83 -13.63
C GLN B 568 -9.57 18.64 -12.18
N TRP B 569 -8.65 18.10 -11.39
CA TRP B 569 -8.86 17.83 -9.97
C TRP B 569 -9.22 19.06 -9.13
N LEU B 570 -8.42 20.12 -9.21
CA LEU B 570 -8.63 21.32 -8.40
C LEU B 570 -9.91 22.08 -8.83
N LYS B 571 -10.29 21.98 -10.10
CA LYS B 571 -11.56 22.54 -10.56
C LYS B 571 -12.68 21.82 -9.84
N GLU B 572 -12.62 20.49 -9.86
CA GLU B 572 -13.71 19.61 -9.44
C GLU B 572 -13.72 19.34 -7.94
N ASN B 573 -12.53 19.25 -7.35
CA ASN B 573 -12.38 18.74 -5.98
C ASN B 573 -11.53 19.63 -5.08
N LYS B 574 -11.53 19.30 -3.80
CA LYS B 574 -10.56 19.86 -2.88
C LYS B 574 -9.14 19.41 -3.25
N VAL B 575 -8.15 20.10 -2.71
CA VAL B 575 -6.76 19.74 -2.93
C VAL B 575 -6.44 18.34 -2.36
N PHE B 576 -6.91 18.07 -1.14
CA PHE B 576 -6.58 16.83 -0.42
C PHE B 576 -6.90 15.60 -1.26
N GLY B 577 -5.94 14.67 -1.33
CA GLY B 577 -6.08 13.46 -2.13
C GLY B 577 -5.21 13.50 -3.37
N LEU B 578 -5.01 14.70 -3.89
CA LEU B 578 -4.26 14.88 -5.12
C LEU B 578 -2.85 14.30 -4.92
N ASP B 579 -2.31 14.54 -3.73
CA ASP B 579 -1.00 14.09 -3.34
C ASP B 579 -0.73 12.62 -3.68
N THR B 580 -1.71 11.78 -3.42
CA THR B 580 -1.61 10.38 -3.80
C THR B 580 -1.31 10.28 -5.30
N VAL B 581 -1.97 11.10 -6.10
CA VAL B 581 -1.70 11.05 -7.50
C VAL B 581 -0.28 11.54 -7.78
N ASP B 582 0.17 12.59 -7.09
CA ASP B 582 1.54 13.10 -7.28
C ASP B 582 2.53 11.97 -7.12
N ILE B 583 2.42 11.31 -5.98
CA ILE B 583 3.27 10.23 -5.60
C ILE B 583 3.30 9.20 -6.69
N ARG B 584 2.14 8.87 -7.24
CA ARG B 584 2.07 7.71 -8.14
C ARG B 584 2.70 7.95 -9.50
N MET B 585 2.58 9.17 -10.01
CA MET B 585 3.15 9.50 -11.30
C MET B 585 4.60 9.95 -11.13
N GLY B 586 4.90 10.58 -9.99
CA GLY B 586 6.29 10.78 -9.57
C GLY B 586 7.06 9.47 -9.71
N GLY B 587 6.50 8.41 -9.16
CA GLY B 587 7.17 7.12 -9.18
C GLY B 587 7.24 6.54 -10.57
N LEU B 588 6.15 6.69 -11.33
CA LEU B 588 6.11 6.27 -12.72
C LEU B 588 7.21 6.99 -13.50
N LEU B 589 7.32 8.30 -13.29
CA LEU B 589 8.31 9.12 -13.98
C LEU B 589 9.73 8.70 -13.58
N GLN B 590 9.93 8.43 -12.31
CA GLN B 590 11.26 8.08 -11.85
C GLN B 590 11.59 6.69 -12.39
N ARG B 591 10.59 5.83 -12.46
CA ARG B 591 10.77 4.52 -13.08
C ARG B 591 11.02 4.64 -14.56
N ILE B 592 10.50 5.69 -15.21
CA ILE B 592 10.92 5.92 -16.59
C ILE B 592 12.40 6.30 -16.64
N LYS B 593 12.86 7.11 -15.69
CA LYS B 593 14.28 7.42 -15.59
C LYS B 593 15.11 6.16 -15.38
N ARG B 594 14.61 5.20 -14.63
CA ARG B 594 15.36 3.96 -14.47
C ARG B 594 15.61 3.24 -15.81
N ALA B 595 14.55 3.06 -16.58
CA ALA B 595 14.64 2.49 -17.93
C ALA B 595 15.72 3.18 -18.78
N GLU B 596 15.78 4.51 -18.69
CA GLU B 596 16.78 5.30 -19.39
C GLU B 596 18.19 5.04 -18.86
N SER B 597 18.32 4.97 -17.54
CA SER B 597 19.63 4.86 -16.90
C SER B 597 20.21 3.47 -17.08
N ARG B 598 19.37 2.46 -16.88
CA ARG B 598 19.72 1.06 -17.08
C ARG B 598 20.13 0.70 -18.52
N ILE B 599 19.49 1.35 -19.50
CA ILE B 599 19.84 1.12 -20.90
C ILE B 599 21.16 1.78 -21.25
N GLU B 600 21.45 2.93 -20.65
CA GLU B 600 22.69 3.65 -20.95
C GLU B 600 23.94 2.94 -20.42
N VAL B 601 23.88 2.50 -19.17
CA VAL B 601 24.99 1.78 -18.55
C VAL B 601 25.33 0.56 -19.41
N TYR B 602 24.30 -0.14 -19.85
CA TYR B 602 24.47 -1.27 -20.73
C TYR B 602 25.14 -0.87 -22.05
N LEU B 603 24.58 0.15 -22.70
CA LEU B 603 25.08 0.59 -23.99
C LEU B 603 26.52 1.07 -23.87
N ALA B 604 26.89 1.54 -22.68
CA ALA B 604 28.28 1.92 -22.35
C ALA B 604 29.14 0.75 -21.82
N GLY B 605 28.74 -0.49 -22.08
CA GLY B 605 29.49 -1.68 -21.68
C GLY B 605 29.71 -1.92 -20.18
N GLN B 606 29.08 -1.12 -19.32
CA GLN B 606 29.28 -1.25 -17.88
C GLN B 606 28.30 -2.24 -17.23
N LEU B 607 27.53 -2.98 -18.04
CA LEU B 607 26.64 -4.05 -17.56
C LEU B 607 26.57 -5.18 -18.59
N ASP B 608 26.76 -6.43 -18.16
CA ASP B 608 26.85 -7.57 -19.09
C ASP B 608 25.51 -7.89 -19.76
N ARG B 609 24.45 -7.95 -18.95
CA ARG B 609 23.10 -8.15 -19.44
C ARG B 609 22.24 -7.02 -18.85
N ILE B 610 20.92 -7.08 -19.01
CA ILE B 610 20.00 -6.23 -18.23
C ILE B 610 18.87 -7.14 -17.72
N ASP B 611 18.94 -7.44 -16.43
CA ASP B 611 18.21 -8.55 -15.84
C ASP B 611 16.70 -8.47 -16.07
N GLU B 612 16.13 -7.29 -15.81
CA GLU B 612 14.73 -6.99 -16.07
C GLU B 612 14.26 -7.56 -17.41
N LEU B 613 15.00 -7.25 -18.47
CA LEU B 613 14.58 -7.62 -19.81
C LEU B 613 14.81 -9.10 -20.12
N GLU B 614 15.58 -9.77 -19.28
CA GLU B 614 15.77 -11.20 -19.43
C GLU B 614 14.52 -11.96 -18.97
N VAL B 615 13.73 -11.39 -18.06
CA VAL B 615 12.63 -12.14 -17.42
C VAL B 615 11.45 -12.33 -18.38
N GLU B 616 10.93 -13.55 -18.43
CA GLU B 616 9.84 -13.89 -19.35
C GLU B 616 8.50 -13.54 -18.73
N ILE B 617 7.77 -12.68 -19.41
CA ILE B 617 6.50 -12.14 -18.93
C ILE B 617 5.35 -13.17 -19.00
N LEU B 618 4.75 -13.40 -17.83
CA LEU B 618 3.59 -14.24 -17.65
C LEU B 618 2.32 -13.42 -17.85
N PRO B 619 1.17 -14.08 -17.95
CA PRO B 619 -0.12 -13.35 -17.86
C PRO B 619 -0.32 -12.71 -16.47
N PHE B 620 -0.61 -11.42 -16.44
CA PHE B 620 -0.85 -10.69 -15.18
C PHE B 620 -2.03 -11.24 -14.37
N THR B 621 -3.08 -11.62 -15.09
CA THR B 621 -4.26 -12.22 -14.49
C THR B 621 -4.98 -13.10 -15.50
N ASP B 622 -5.85 -13.98 -15.00
CA ASP B 622 -6.84 -14.65 -15.82
C ASP B 622 -8.21 -14.36 -15.25
N PHE B 629 -9.40 -11.80 -27.86
CA PHE B 629 -9.28 -10.77 -26.83
C PHE B 629 -8.06 -11.04 -25.95
N ALA B 630 -7.40 -9.98 -25.50
CA ALA B 630 -6.22 -10.10 -24.64
C ALA B 630 -6.32 -9.32 -23.32
N ALA B 631 -7.12 -8.24 -23.35
CA ALA B 631 -7.24 -7.29 -22.25
C ALA B 631 -7.74 -7.92 -20.94
N THR B 632 -7.81 -7.10 -19.88
CA THR B 632 -8.32 -7.57 -18.58
C THR B 632 -8.65 -6.43 -17.59
N THR B 633 -9.03 -6.81 -16.37
CA THR B 633 -9.48 -5.85 -15.32
C THR B 633 -8.52 -5.86 -14.14
N ALA B 634 -7.55 -4.97 -14.18
CA ALA B 634 -6.61 -4.77 -13.08
C ALA B 634 -6.70 -3.33 -12.57
N ASN B 635 -7.27 -3.13 -11.38
CA ASN B 635 -7.59 -1.78 -10.89
C ASN B 635 -7.00 -1.44 -9.52
N GLN B 636 -5.88 -2.04 -9.18
CA GLN B 636 -5.14 -1.63 -7.99
C GLN B 636 -3.83 -1.06 -8.46
N TRP B 637 -3.51 0.15 -8.01
CA TRP B 637 -2.30 0.78 -8.47
C TRP B 637 -1.07 -0.02 -8.06
N HIS B 638 -0.89 -0.26 -6.78
CA HIS B 638 0.40 -0.77 -6.29
C HIS B 638 0.78 -2.06 -6.98
N THR B 639 -0.23 -2.72 -7.53
CA THR B 639 -0.05 -4.03 -8.11
C THR B 639 0.14 -3.94 -9.64
N ILE B 640 -0.33 -2.85 -10.25
CA ILE B 640 -0.03 -2.57 -11.65
C ILE B 640 1.42 -2.11 -11.82
N ALA B 641 1.86 -1.24 -10.92
CA ALA B 641 3.12 -0.52 -11.07
C ALA B 641 4.37 -1.36 -10.76
N THR B 642 4.22 -2.45 -10.00
CA THR B 642 5.36 -3.25 -9.62
C THR B 642 4.96 -4.66 -9.21
N ALA B 643 5.86 -5.61 -9.38
CA ALA B 643 5.67 -6.92 -8.77
C ALA B 643 6.45 -7.00 -7.44
N SER B 644 7.18 -5.96 -7.09
CA SER B 644 7.83 -5.83 -5.80
C SER B 644 6.80 -5.57 -4.71
N THR B 645 7.18 -5.73 -3.44
CA THR B 645 6.29 -5.37 -2.31
C THR B 645 6.38 -3.88 -2.06
N ILE B 646 5.24 -3.23 -1.85
CA ILE B 646 5.18 -1.83 -1.44
C ILE B 646 4.27 -1.55 -0.22
N TYR B 647 3.43 -2.53 0.15
CA TYR B 647 2.60 -2.38 1.35
C TYR B 647 2.97 -3.31 2.51
N THR B 648 3.24 -4.58 2.22
CA THR B 648 3.78 -5.51 3.22
C THR B 648 4.87 -4.86 4.11
N THR B 649 4.91 -5.21 5.40
CA THR B 649 5.89 -4.68 6.37
C THR B 649 7.21 -5.46 6.37
#